data_8XPT
#
_entry.id   8XPT
#
_cell.length_a   85.113
_cell.length_b   94.638
_cell.length_c   88.731
_cell.angle_alpha   90.000
_cell.angle_beta   112.337
_cell.angle_gamma   90.000
#
_symmetry.space_group_name_H-M   'P 1 21 1'
#
loop_
_entity.id
_entity.type
_entity.pdbx_description
1 polymer 'Histone-lysine N-methyltransferase EHMT1'
2 non-polymer S-ADENOSYL-L-HOMOCYSTEINE
3 non-polymer 'ZINC ION'
4 non-polymer 'SULFATE ION'
5 water water
#
_entity_poly.entity_id   1
_entity_poly.type   'polypeptide(L)'
_entity_poly.pdbx_seq_one_letter_code
;NSQVWSALQMSKALQDSAPDRPSPVERIVSRDIARGYERIPIPCVNAVDSEPCPSNYKYVSQNCVTSPMNIDRNITHLQY
CVCIDDCSSSNCMCGQLSMRCWYDKDGRLLPEFNMAEPPLIFECNHACSCWRNCRNRVVQNGLRARLQLYRTRDMGWGVR
SLQDIPPGTFVCEYVGELISDSEADVREEDSYLFDLDNKDGEVYCIDARFYGNVSRFINHHCEPNLVPVRVFMAHQDLRF
PRIAFFSTRLIEAGEQLGFDYGERFWDIKGKLFSCRCGSPKCRHS
;
_entity_poly.pdbx_strand_id   A,B,C,D
#
loop_
_chem_comp.id
_chem_comp.type
_chem_comp.name
_chem_comp.formula
SO4 non-polymer 'SULFATE ION' 'O4 S -2'
ZN non-polymer 'ZINC ION' 'Zn 2'
#
# COMPACT_ATOMS: atom_id res chain seq x y z
N GLU A 26 1.08 -33.66 19.16
CA GLU A 26 1.62 -32.85 18.04
C GLU A 26 3.13 -32.84 18.13
N ARG A 27 3.79 -33.27 17.05
CA ARG A 27 5.24 -33.20 16.95
C ARG A 27 5.60 -32.24 15.84
N ILE A 28 6.23 -31.11 16.16
CA ILE A 28 6.77 -30.21 15.16
C ILE A 28 8.07 -30.83 14.64
N VAL A 29 7.93 -31.68 13.63
CA VAL A 29 9.01 -32.54 13.16
C VAL A 29 10.01 -31.71 12.36
N SER A 30 9.60 -30.50 11.91
CA SER A 30 10.51 -29.54 11.33
C SER A 30 9.98 -28.13 11.51
N ARG A 31 10.86 -27.19 11.92
CA ARG A 31 10.42 -25.83 12.19
C ARG A 31 10.35 -25.02 10.88
N ASP A 32 11.10 -25.43 9.84
CA ASP A 32 11.05 -24.81 8.52
C ASP A 32 11.70 -25.71 7.47
N ILE A 33 10.91 -26.30 6.59
CA ILE A 33 11.42 -27.27 5.62
C ILE A 33 12.23 -26.57 4.53
N ALA A 34 12.29 -25.23 4.57
CA ALA A 34 12.88 -24.47 3.48
C ALA A 34 14.22 -23.88 3.91
N ARG A 35 14.72 -24.26 5.09
CA ARG A 35 16.01 -23.80 5.60
C ARG A 35 16.14 -22.28 5.49
N GLY A 36 15.00 -21.59 5.54
CA GLY A 36 14.94 -20.13 5.57
C GLY A 36 15.09 -19.47 4.21
N TYR A 37 15.02 -20.23 3.12
CA TYR A 37 15.12 -19.64 1.79
C TYR A 37 13.88 -18.79 1.52
N GLU A 38 12.69 -19.24 1.97
CA GLU A 38 11.46 -18.49 1.76
C GLU A 38 11.45 -17.26 2.67
N ARG A 39 10.52 -16.34 2.38
CA ARG A 39 10.31 -15.12 3.15
C ARG A 39 9.78 -15.46 4.55
N ILE A 40 8.97 -16.52 4.65
CA ILE A 40 8.45 -17.00 5.92
C ILE A 40 8.83 -18.47 6.06
N PRO A 41 8.86 -19.02 7.29
CA PRO A 41 9.13 -20.45 7.50
C PRO A 41 7.94 -21.36 7.21
N ILE A 42 8.22 -22.53 6.63
CA ILE A 42 7.22 -23.55 6.40
C ILE A 42 7.54 -24.74 7.30
N PRO A 43 6.88 -24.89 8.47
CA PRO A 43 7.13 -26.02 9.36
C PRO A 43 6.36 -27.28 8.96
N CYS A 44 6.94 -28.44 9.28
CA CYS A 44 6.29 -29.73 9.13
C CYS A 44 5.80 -30.19 10.49
N VAL A 45 4.60 -30.78 10.54
CA VAL A 45 4.06 -31.34 11.76
C VAL A 45 3.47 -32.72 11.45
N ASN A 46 3.43 -33.59 12.48
CA ASN A 46 2.83 -34.90 12.37
C ASN A 46 2.09 -35.22 13.67
N ALA A 47 0.79 -35.53 13.50
CA ALA A 47 -0.07 -35.89 14.60
C ALA A 47 -1.05 -36.98 14.14
N VAL A 48 -0.56 -37.90 13.29
CA VAL A 48 -1.34 -39.05 12.86
C VAL A 48 -0.52 -40.30 13.15
N ASP A 49 0.53 -40.53 12.34
CA ASP A 49 1.36 -41.71 12.44
C ASP A 49 2.75 -41.28 12.92
N SER A 50 3.72 -42.20 12.85
CA SER A 50 5.09 -41.96 13.27
C SER A 50 6.01 -41.98 12.05
N GLU A 51 5.80 -41.00 11.14
CA GLU A 51 6.68 -40.75 10.02
C GLU A 51 7.48 -39.49 10.31
N PRO A 52 8.81 -39.48 10.12
CA PRO A 52 9.59 -38.25 10.28
C PRO A 52 9.45 -37.32 9.07
N CYS A 53 9.93 -36.08 9.23
CA CYS A 53 9.82 -35.05 8.21
C CYS A 53 10.43 -35.56 6.90
N PRO A 54 9.68 -35.56 5.77
CA PRO A 54 10.15 -36.18 4.52
C PRO A 54 11.50 -35.60 4.11
N SER A 55 12.35 -36.43 3.51
CA SER A 55 13.74 -36.02 3.30
C SER A 55 14.42 -36.84 2.21
N ASN A 56 13.68 -37.28 1.19
CA ASN A 56 14.28 -38.01 0.08
C ASN A 56 14.44 -37.08 -1.12
N TYR A 57 14.24 -35.77 -0.89
CA TYR A 57 14.29 -34.74 -1.92
C TYR A 57 15.16 -33.57 -1.44
N LYS A 58 15.37 -32.59 -2.34
CA LYS A 58 16.11 -31.39 -2.01
C LYS A 58 15.20 -30.17 -2.16
N TYR A 59 14.93 -29.47 -1.06
CA TYR A 59 14.11 -28.26 -1.15
C TYR A 59 14.93 -27.22 -1.88
N VAL A 60 14.40 -26.80 -3.04
CA VAL A 60 14.91 -25.66 -3.78
C VAL A 60 13.75 -24.68 -3.91
N SER A 61 13.99 -23.41 -3.57
CA SER A 61 12.92 -22.42 -3.60
C SER A 61 12.67 -21.97 -5.05
N GLN A 62 13.70 -22.09 -5.91
CA GLN A 62 13.63 -21.69 -7.30
C GLN A 62 13.79 -22.92 -8.20
N ASN A 63 13.35 -22.79 -9.46
CA ASN A 63 13.49 -23.85 -10.43
C ASN A 63 14.97 -24.04 -10.77
N CYS A 64 15.35 -25.29 -11.08
CA CYS A 64 16.72 -25.65 -11.37
C CYS A 64 16.74 -26.58 -12.58
N VAL A 65 17.94 -26.82 -13.11
CA VAL A 65 18.15 -27.75 -14.19
C VAL A 65 19.38 -28.59 -13.87
N THR A 66 19.33 -29.89 -14.23
CA THR A 66 20.54 -30.71 -14.26
C THR A 66 21.09 -30.67 -15.69
N SER A 67 20.37 -31.31 -16.62
CA SER A 67 20.69 -31.26 -18.04
C SER A 67 20.70 -29.80 -18.49
N PRO A 68 21.54 -29.43 -19.48
CA PRO A 68 21.53 -28.06 -19.99
C PRO A 68 20.21 -27.82 -20.72
N MET A 69 19.46 -26.84 -20.22
CA MET A 69 18.25 -26.36 -20.86
C MET A 69 18.53 -24.94 -21.36
N ASN A 70 18.55 -24.76 -22.68
CA ASN A 70 18.92 -23.48 -23.26
C ASN A 70 17.73 -22.53 -23.18
N ILE A 71 17.80 -21.59 -22.23
CA ILE A 71 16.75 -20.61 -22.00
C ILE A 71 17.29 -19.25 -22.42
N ASP A 72 16.46 -18.49 -23.13
CA ASP A 72 16.93 -17.28 -23.78
C ASP A 72 16.99 -16.16 -22.72
N ARG A 73 18.17 -15.96 -22.13
CA ARG A 73 18.36 -14.92 -21.13
C ARG A 73 19.08 -13.73 -21.75
N ASN A 74 19.00 -13.62 -23.09
CA ASN A 74 19.44 -12.42 -23.79
C ASN A 74 18.50 -11.29 -23.40
N ILE A 75 19.07 -10.22 -22.83
CA ILE A 75 18.29 -9.14 -22.26
C ILE A 75 17.56 -8.40 -23.37
N THR A 76 18.20 -8.31 -24.55
CA THR A 76 17.67 -7.52 -25.66
C THR A 76 16.42 -8.19 -26.22
N HIS A 77 16.30 -9.52 -26.02
CA HIS A 77 15.16 -10.28 -26.53
C HIS A 77 13.93 -10.07 -25.63
N LEU A 78 14.02 -9.21 -24.62
CA LEU A 78 12.91 -9.00 -23.71
C LEU A 78 11.96 -7.96 -24.29
N GLN A 79 10.65 -8.27 -24.24
CA GLN A 79 9.63 -7.24 -24.37
C GLN A 79 9.52 -6.54 -23.01
N TYR A 80 9.50 -5.21 -23.04
CA TYR A 80 9.46 -4.42 -21.82
C TYR A 80 8.53 -3.24 -22.02
N CYS A 81 8.24 -2.52 -20.94
CA CYS A 81 7.40 -1.34 -21.01
C CYS A 81 8.18 -0.09 -20.62
N VAL A 82 7.62 1.08 -20.98
CA VAL A 82 8.28 2.37 -20.78
C VAL A 82 7.41 3.25 -19.88
N CYS A 83 6.49 2.62 -19.14
CA CYS A 83 5.70 3.30 -18.12
C CYS A 83 6.56 4.21 -17.25
N ILE A 84 5.97 5.34 -16.86
CA ILE A 84 6.52 6.22 -15.84
C ILE A 84 5.58 6.29 -14.64
N ASP A 85 4.41 5.63 -14.75
CA ASP A 85 3.48 5.46 -13.65
C ASP A 85 3.87 4.18 -12.91
N ASP A 86 2.92 3.63 -12.13
CA ASP A 86 3.09 2.33 -11.51
C ASP A 86 2.46 1.25 -12.39
N CYS A 87 2.71 1.35 -13.70
CA CYS A 87 2.30 0.36 -14.69
C CYS A 87 0.82 -0.01 -14.55
N SER A 88 0.00 0.99 -14.21
CA SER A 88 -1.42 0.81 -13.99
C SER A 88 -2.24 1.47 -15.10
N SER A 89 -1.57 2.15 -16.04
CA SER A 89 -2.22 2.65 -17.25
C SER A 89 -2.27 1.54 -18.29
N SER A 90 -3.14 1.68 -19.30
CA SER A 90 -3.28 0.69 -20.36
C SER A 90 -2.20 0.81 -21.42
N ASN A 91 -1.27 1.78 -21.23
CA ASN A 91 -0.10 1.91 -22.07
C ASN A 91 0.94 0.85 -21.71
N CYS A 92 0.72 0.13 -20.61
CA CYS A 92 1.65 -0.87 -20.13
C CYS A 92 1.75 -2.01 -21.14
N MET A 93 2.90 -2.05 -21.83
CA MET A 93 3.16 -3.07 -22.84
C MET A 93 3.07 -4.45 -22.18
N CYS A 94 3.66 -4.54 -20.99
CA CYS A 94 3.64 -5.75 -20.19
C CYS A 94 2.18 -6.15 -19.93
N GLY A 95 1.37 -5.18 -19.52
CA GLY A 95 -0.06 -5.40 -19.32
C GLY A 95 -0.76 -5.85 -20.61
N GLN A 96 -0.36 -5.25 -21.74
CA GLN A 96 -0.97 -5.55 -23.01
C GLN A 96 -0.69 -7.01 -23.38
N LEU A 97 0.58 -7.41 -23.26
CA LEU A 97 1.00 -8.77 -23.55
C LEU A 97 0.14 -9.79 -22.80
N SER A 98 -0.27 -9.45 -21.58
CA SER A 98 -1.10 -10.34 -20.79
C SER A 98 -2.56 -9.96 -20.95
N MET A 99 -2.90 -9.33 -22.09
CA MET A 99 -4.24 -8.82 -22.36
C MET A 99 -4.55 -7.62 -21.48
N ARG A 100 -4.14 -7.66 -20.20
CA ARG A 100 -4.56 -6.68 -19.23
C ARG A 100 -3.86 -6.99 -17.91
N CYS A 101 -3.35 -5.96 -17.23
CA CYS A 101 -2.82 -6.19 -15.90
C CYS A 101 -3.94 -6.66 -14.99
N TRP A 102 -3.88 -7.93 -14.59
CA TRP A 102 -4.97 -8.59 -13.89
C TRP A 102 -4.91 -8.33 -12.38
N TYR A 103 -3.88 -7.58 -11.95
CA TYR A 103 -3.60 -7.41 -10.54
C TYR A 103 -4.32 -6.15 -10.04
N ASP A 104 -4.67 -6.16 -8.75
CA ASP A 104 -5.17 -4.99 -8.06
C ASP A 104 -4.02 -4.37 -7.26
N LYS A 105 -4.34 -3.47 -6.34
CA LYS A 105 -3.31 -2.75 -5.60
C LYS A 105 -2.70 -3.64 -4.51
N ASP A 106 -3.46 -4.66 -4.07
CA ASP A 106 -2.98 -5.59 -3.07
C ASP A 106 -2.36 -6.83 -3.75
N GLY A 107 -2.17 -6.77 -5.07
CA GLY A 107 -1.57 -7.85 -5.81
C GLY A 107 -2.49 -9.05 -5.99
N ARG A 108 -3.81 -8.85 -5.84
CA ARG A 108 -4.78 -9.91 -6.05
C ARG A 108 -5.38 -9.79 -7.44
N LEU A 109 -5.91 -10.90 -7.95
CA LEU A 109 -6.54 -10.92 -9.26
C LEU A 109 -7.84 -10.12 -9.21
N LEU A 110 -8.20 -9.51 -10.33
CA LEU A 110 -9.47 -8.82 -10.47
C LEU A 110 -10.59 -9.86 -10.59
N PRO A 111 -11.82 -9.56 -10.14
CA PRO A 111 -12.96 -10.46 -10.34
C PRO A 111 -13.24 -10.80 -11.80
N GLU A 112 -12.67 -10.01 -12.71
CA GLU A 112 -12.78 -10.25 -14.13
C GLU A 112 -12.01 -11.51 -14.52
N PHE A 113 -10.97 -11.86 -13.74
CA PHE A 113 -10.06 -12.93 -14.09
C PHE A 113 -10.81 -14.22 -14.39
N ASN A 114 -10.48 -14.84 -15.53
CA ASN A 114 -11.15 -16.05 -15.97
C ASN A 114 -10.49 -17.23 -15.28
N MET A 115 -11.14 -17.76 -14.24
CA MET A 115 -10.61 -18.87 -13.46
C MET A 115 -10.57 -20.15 -14.29
N ALA A 116 -11.57 -20.34 -15.16
CA ALA A 116 -11.75 -21.61 -15.85
C ALA A 116 -10.88 -21.69 -17.11
N GLU A 117 -10.35 -20.56 -17.57
CA GLU A 117 -9.47 -20.53 -18.72
C GLU A 117 -8.50 -19.36 -18.54
N PRO A 118 -7.48 -19.49 -17.68
CA PRO A 118 -6.62 -18.36 -17.33
C PRO A 118 -5.65 -18.00 -18.45
N PRO A 119 -5.36 -16.69 -18.65
CA PRO A 119 -4.44 -16.26 -19.70
C PRO A 119 -2.98 -16.40 -19.28
N LEU A 120 -2.07 -16.18 -20.22
CA LEU A 120 -0.67 -15.98 -19.89
C LEU A 120 -0.54 -14.61 -19.24
N ILE A 121 0.28 -14.54 -18.19
CA ILE A 121 0.59 -13.30 -17.51
C ILE A 121 2.05 -12.96 -17.79
N PHE A 122 2.29 -11.71 -18.19
CA PHE A 122 3.64 -11.17 -18.36
C PHE A 122 3.86 -10.11 -17.30
N GLU A 123 4.57 -10.48 -16.23
CA GLU A 123 4.99 -9.53 -15.22
C GLU A 123 6.12 -8.68 -15.79
N CYS A 124 6.35 -7.53 -15.13
CA CYS A 124 7.37 -6.58 -15.53
C CYS A 124 8.74 -7.14 -15.16
N ASN A 125 9.77 -6.71 -15.88
CA ASN A 125 11.09 -7.31 -15.73
C ASN A 125 12.13 -6.19 -15.65
N HIS A 126 13.37 -6.61 -15.37
CA HIS A 126 14.49 -5.71 -15.16
C HIS A 126 14.81 -4.89 -16.41
N ALA A 127 14.12 -5.19 -17.52
CA ALA A 127 14.30 -4.45 -18.76
C ALA A 127 13.37 -3.22 -18.81
N CYS A 128 12.26 -3.30 -18.06
CA CYS A 128 11.28 -2.22 -18.03
C CYS A 128 11.85 -0.98 -17.38
N SER A 129 11.21 0.16 -17.69
CA SER A 129 11.64 1.47 -17.27
C SER A 129 11.12 1.77 -15.86
N CYS A 130 10.05 1.05 -15.47
CA CYS A 130 9.32 1.30 -14.24
C CYS A 130 10.10 0.82 -13.01
N TRP A 131 9.52 1.06 -11.83
CA TRP A 131 10.13 0.70 -10.56
C TRP A 131 9.71 -0.71 -10.12
N ARG A 132 10.44 -1.22 -9.11
CA ARG A 132 10.34 -2.60 -8.66
C ARG A 132 9.03 -2.84 -7.89
N ASN A 133 8.26 -1.77 -7.66
CA ASN A 133 7.05 -1.84 -6.86
C ASN A 133 5.81 -1.53 -7.68
N CYS A 134 5.93 -1.53 -9.01
CA CYS A 134 4.79 -1.30 -9.88
C CYS A 134 3.78 -2.43 -9.69
N ARG A 135 2.55 -2.20 -10.13
CA ARG A 135 1.45 -3.13 -9.91
C ARG A 135 1.74 -4.52 -10.48
N ASN A 136 2.48 -4.60 -11.60
CA ASN A 136 2.54 -5.79 -12.42
C ASN A 136 3.71 -6.67 -12.00
N ARG A 137 4.10 -6.59 -10.72
CA ARG A 137 5.09 -7.49 -10.14
C ARG A 137 4.47 -8.14 -8.91
N VAL A 138 4.25 -9.47 -8.95
CA VAL A 138 3.50 -10.17 -7.90
C VAL A 138 4.11 -11.53 -7.61
N VAL A 139 4.01 -12.43 -8.60
CA VAL A 139 4.56 -13.76 -8.49
C VAL A 139 6.06 -13.64 -8.31
N GLN A 140 6.66 -12.62 -8.91
CA GLN A 140 8.09 -12.44 -8.80
C GLN A 140 8.53 -12.10 -7.37
N ASN A 141 7.62 -11.59 -6.54
CA ASN A 141 8.01 -11.11 -5.23
C ASN A 141 8.21 -12.27 -4.25
N GLY A 142 7.56 -13.41 -4.50
CA GLY A 142 7.73 -14.60 -3.68
C GLY A 142 6.45 -14.97 -2.92
N LEU A 143 6.47 -16.10 -2.22
CA LEU A 143 5.33 -16.52 -1.41
C LEU A 143 5.36 -15.80 -0.08
N ARG A 144 4.19 -15.34 0.37
CA ARG A 144 4.07 -14.52 1.57
C ARG A 144 3.11 -15.13 2.59
N ALA A 145 2.33 -16.13 2.18
CA ALA A 145 1.28 -16.73 3.01
C ALA A 145 1.87 -17.67 4.06
N ARG A 146 1.07 -17.99 5.08
CA ARG A 146 1.49 -18.85 6.17
C ARG A 146 1.06 -20.29 5.88
N LEU A 147 2.02 -21.10 5.42
CA LEU A 147 1.73 -22.47 5.02
C LEU A 147 2.37 -23.41 6.04
N GLN A 148 2.01 -24.68 5.95
CA GLN A 148 2.51 -25.69 6.86
C GLN A 148 2.35 -27.05 6.19
N LEU A 149 3.47 -27.78 6.08
CA LEU A 149 3.44 -29.17 5.67
C LEU A 149 2.90 -29.99 6.84
N TYR A 150 1.87 -30.80 6.59
CA TYR A 150 1.25 -31.57 7.66
C TYR A 150 0.91 -32.96 7.15
N ARG A 151 0.66 -33.88 8.09
CA ARG A 151 0.33 -35.26 7.79
C ARG A 151 -1.19 -35.43 7.76
N THR A 152 -1.71 -35.82 6.59
CA THR A 152 -3.13 -36.13 6.45
C THR A 152 -3.40 -37.55 6.95
N ARG A 153 -4.67 -37.82 7.23
CA ARG A 153 -5.10 -39.13 7.71
C ARG A 153 -4.87 -40.20 6.64
N ASP A 154 -5.26 -39.87 5.40
CA ASP A 154 -5.51 -40.89 4.38
C ASP A 154 -4.93 -40.50 3.01
N MET A 155 -4.09 -39.46 2.95
CA MET A 155 -3.46 -39.05 1.69
C MET A 155 -1.95 -38.90 1.85
N GLY A 156 -1.40 -39.28 3.01
CA GLY A 156 0.01 -39.07 3.29
C GLY A 156 0.28 -37.65 3.76
N TRP A 157 1.23 -36.99 3.09
CA TRP A 157 1.58 -35.61 3.41
C TRP A 157 0.65 -34.67 2.67
N GLY A 158 0.45 -33.46 3.21
CA GLY A 158 -0.31 -32.42 2.56
C GLY A 158 0.18 -31.03 3.00
N VAL A 159 -0.32 -29.98 2.33
CA VAL A 159 0.02 -28.62 2.71
C VAL A 159 -1.27 -27.91 3.11
N ARG A 160 -1.18 -27.07 4.13
CA ARG A 160 -2.30 -26.42 4.79
C ARG A 160 -1.95 -24.94 5.02
N SER A 161 -2.93 -24.03 4.88
CA SER A 161 -2.72 -22.65 5.29
C SER A 161 -2.96 -22.52 6.79
N LEU A 162 -2.27 -21.59 7.43
CA LEU A 162 -2.46 -21.30 8.84
C LEU A 162 -3.24 -20.01 9.01
N GLN A 163 -3.74 -19.44 7.90
CA GLN A 163 -4.42 -18.15 7.92
C GLN A 163 -5.41 -18.09 6.77
N ASP A 164 -6.50 -17.35 6.99
CA ASP A 164 -7.44 -17.06 5.93
C ASP A 164 -6.69 -16.50 4.73
N ILE A 165 -7.00 -17.03 3.54
CA ILE A 165 -6.44 -16.54 2.29
C ILE A 165 -7.56 -15.93 1.47
N PRO A 166 -7.48 -14.61 1.14
CA PRO A 166 -8.46 -13.99 0.25
C PRO A 166 -8.46 -14.67 -1.11
N PRO A 167 -9.61 -14.72 -1.82
CA PRO A 167 -9.63 -15.24 -3.19
C PRO A 167 -8.73 -14.41 -4.10
N GLY A 168 -8.14 -15.08 -5.09
CA GLY A 168 -7.33 -14.43 -6.11
C GLY A 168 -5.98 -13.95 -5.55
N THR A 169 -5.49 -14.66 -4.53
CA THR A 169 -4.19 -14.36 -3.95
C THR A 169 -3.19 -15.39 -4.45
N PHE A 170 -1.96 -14.93 -4.75
CA PHE A 170 -0.88 -15.82 -5.15
C PHE A 170 -0.42 -16.62 -3.95
N VAL A 171 -0.50 -17.95 -4.02
CA VAL A 171 -0.21 -18.80 -2.88
C VAL A 171 1.25 -19.23 -2.94
N CYS A 172 1.61 -20.03 -3.96
CA CYS A 172 2.95 -20.59 -4.10
C CYS A 172 3.21 -20.99 -5.55
N GLU A 173 4.49 -21.11 -5.90
CA GLU A 173 4.87 -21.52 -7.24
C GLU A 173 5.17 -23.02 -7.25
N TYR A 174 4.81 -23.70 -8.35
CA TYR A 174 5.21 -25.08 -8.56
C TYR A 174 6.63 -25.08 -9.12
N VAL A 175 7.57 -25.63 -8.32
CA VAL A 175 8.98 -25.50 -8.60
C VAL A 175 9.63 -26.88 -8.55
N GLY A 176 10.62 -27.06 -9.43
CA GLY A 176 11.39 -28.30 -9.50
C GLY A 176 12.44 -28.25 -10.62
N GLU A 177 12.61 -29.40 -11.29
CA GLU A 177 13.65 -29.61 -12.26
C GLU A 177 13.04 -29.49 -13.65
N LEU A 178 13.73 -28.81 -14.59
CA LEU A 178 13.26 -28.67 -15.97
C LEU A 178 13.79 -29.81 -16.83
N ILE A 179 12.88 -30.61 -17.39
CA ILE A 179 13.23 -31.78 -18.17
C ILE A 179 12.42 -31.83 -19.45
N SER A 180 12.98 -32.48 -20.48
CA SER A 180 12.31 -32.70 -21.76
C SER A 180 11.27 -33.82 -21.63
N ASP A 181 10.34 -33.86 -22.60
CA ASP A 181 9.37 -34.93 -22.70
C ASP A 181 10.10 -36.27 -22.90
N SER A 182 11.20 -36.23 -23.66
CA SER A 182 12.09 -37.38 -23.78
C SER A 182 12.51 -37.85 -22.39
N GLU A 183 13.09 -36.92 -21.62
CA GLU A 183 13.63 -37.21 -20.30
C GLU A 183 12.49 -37.66 -19.37
N ALA A 184 11.30 -37.07 -19.54
CA ALA A 184 10.18 -37.31 -18.63
C ALA A 184 9.63 -38.72 -18.79
N ASP A 185 9.67 -39.26 -20.02
CA ASP A 185 9.10 -40.56 -20.31
C ASP A 185 9.95 -41.66 -19.69
N VAL A 186 11.27 -41.47 -19.66
CA VAL A 186 12.19 -42.47 -19.15
C VAL A 186 12.26 -42.39 -17.63
N ARG A 187 11.77 -41.30 -17.03
CA ARG A 187 11.71 -41.17 -15.59
C ARG A 187 10.76 -42.22 -15.03
N GLU A 188 11.26 -43.05 -14.10
CA GLU A 188 10.46 -44.05 -13.42
C GLU A 188 9.34 -43.39 -12.62
N GLU A 189 9.75 -42.51 -11.70
CA GLU A 189 8.84 -41.83 -10.81
C GLU A 189 8.33 -40.56 -11.50
N ASP A 190 7.03 -40.55 -11.78
CA ASP A 190 6.40 -39.48 -12.54
C ASP A 190 5.30 -38.82 -11.70
N SER A 191 5.27 -39.11 -10.39
CA SER A 191 4.20 -38.61 -9.54
C SER A 191 4.41 -37.12 -9.24
N TYR A 192 5.59 -36.59 -9.57
CA TYR A 192 5.93 -35.22 -9.19
C TYR A 192 6.13 -34.34 -10.42
N LEU A 193 5.42 -34.66 -11.52
CA LEU A 193 5.61 -33.98 -12.80
C LEU A 193 4.54 -32.93 -13.01
N PHE A 194 4.75 -32.06 -14.01
CA PHE A 194 3.80 -31.03 -14.41
C PHE A 194 4.12 -30.60 -15.86
N ASP A 195 3.22 -30.88 -16.80
CA ASP A 195 3.44 -30.49 -18.20
C ASP A 195 3.34 -28.98 -18.35
N LEU A 196 4.34 -28.37 -19.01
CA LEU A 196 4.37 -26.94 -19.22
C LEU A 196 3.82 -26.67 -20.62
N ASP A 197 4.71 -26.74 -21.61
CA ASP A 197 4.43 -26.28 -22.97
C ASP A 197 3.67 -27.37 -23.71
N ASN A 198 2.37 -27.45 -23.45
CA ASN A 198 1.55 -28.55 -23.96
C ASN A 198 1.64 -28.58 -25.47
N LYS A 199 2.11 -29.72 -26.00
CA LYS A 199 2.36 -29.93 -27.42
C LYS A 199 3.23 -28.79 -27.98
N ASP A 200 2.74 -28.03 -28.98
CA ASP A 200 3.58 -27.04 -29.63
C ASP A 200 4.81 -27.74 -30.21
N GLY A 201 4.56 -28.92 -30.78
CA GLY A 201 5.61 -29.80 -31.28
C GLY A 201 6.35 -30.50 -30.13
N GLU A 202 7.00 -29.69 -29.27
CA GLU A 202 7.88 -30.19 -28.23
C GLU A 202 7.34 -29.79 -26.86
N VAL A 203 7.44 -30.70 -25.89
CA VAL A 203 6.87 -30.49 -24.57
C VAL A 203 8.00 -30.53 -23.54
N TYR A 204 7.98 -29.62 -22.56
CA TYR A 204 8.89 -29.68 -21.42
C TYR A 204 8.08 -29.98 -20.16
N CYS A 205 8.79 -30.30 -19.08
CA CYS A 205 8.17 -30.69 -17.81
C CYS A 205 8.93 -30.13 -16.63
N ILE A 206 8.24 -30.08 -15.49
CA ILE A 206 8.86 -29.87 -14.19
C ILE A 206 8.70 -31.17 -13.40
N ASP A 207 9.81 -31.84 -13.07
CA ASP A 207 9.78 -32.98 -12.17
C ASP A 207 10.24 -32.53 -10.78
N ALA A 208 9.28 -32.48 -9.86
CA ALA A 208 9.50 -32.06 -8.49
C ALA A 208 9.98 -33.24 -7.64
N ARG A 209 10.29 -34.37 -8.30
CA ARG A 209 10.67 -35.58 -7.59
C ARG A 209 11.96 -35.35 -6.80
N PHE A 210 13.04 -35.02 -7.50
CA PHE A 210 14.37 -34.99 -6.90
C PHE A 210 14.69 -33.59 -6.38
N TYR A 211 14.15 -32.55 -7.04
CA TYR A 211 14.22 -31.19 -6.55
C TYR A 211 12.84 -30.57 -6.65
N GLY A 212 12.42 -29.89 -5.58
CA GLY A 212 11.12 -29.22 -5.53
C GLY A 212 10.96 -28.35 -4.29
N ASN A 213 9.77 -27.76 -4.15
CA ASN A 213 9.42 -26.91 -3.03
C ASN A 213 8.12 -27.44 -2.42
N VAL A 214 7.51 -26.63 -1.55
CA VAL A 214 6.29 -27.03 -0.86
C VAL A 214 5.26 -27.58 -1.83
N SER A 215 5.23 -27.07 -3.07
CA SER A 215 4.20 -27.45 -4.04
C SER A 215 4.14 -28.96 -4.25
N ARG A 216 5.28 -29.63 -4.16
CA ARG A 216 5.35 -31.05 -4.46
C ARG A 216 4.47 -31.86 -3.52
N PHE A 217 4.09 -31.26 -2.38
CA PHE A 217 3.32 -31.96 -1.35
C PHE A 217 1.83 -31.67 -1.44
N ILE A 218 1.43 -30.76 -2.33
CA ILE A 218 0.02 -30.42 -2.48
C ILE A 218 -0.68 -31.61 -3.14
N ASN A 219 -1.79 -32.04 -2.53
CA ASN A 219 -2.56 -33.16 -3.02
C ASN A 219 -3.58 -32.67 -4.05
N HIS A 220 -4.28 -33.60 -4.70
CA HIS A 220 -5.33 -33.31 -5.67
C HIS A 220 -6.65 -33.03 -4.94
N HIS A 221 -7.57 -32.34 -5.64
CA HIS A 221 -8.89 -32.05 -5.09
C HIS A 221 -9.84 -31.76 -6.24
N CYS A 222 -11.07 -32.30 -6.16
CA CYS A 222 -12.03 -32.25 -7.25
C CYS A 222 -12.86 -30.97 -7.17
N GLU A 223 -12.80 -30.26 -6.03
CA GLU A 223 -13.40 -28.95 -5.90
C GLU A 223 -12.29 -27.97 -5.51
N PRO A 224 -11.31 -27.73 -6.41
CA PRO A 224 -10.03 -27.18 -5.99
C PRO A 224 -10.10 -25.72 -5.59
N ASN A 225 -9.29 -25.37 -4.58
CA ASN A 225 -9.18 -24.01 -4.09
C ASN A 225 -7.95 -23.34 -4.70
N LEU A 226 -7.23 -24.08 -5.55
CA LEU A 226 -6.06 -23.56 -6.24
C LEU A 226 -6.19 -23.78 -7.74
N VAL A 227 -5.62 -22.84 -8.50
CA VAL A 227 -5.61 -22.92 -9.95
C VAL A 227 -4.20 -22.56 -10.43
N PRO A 228 -3.63 -23.34 -11.37
CA PRO A 228 -2.34 -23.01 -11.98
C PRO A 228 -2.47 -21.92 -13.06
N VAL A 229 -1.53 -20.98 -13.07
CA VAL A 229 -1.50 -19.91 -14.05
C VAL A 229 -0.09 -19.76 -14.60
N ARG A 230 0.03 -19.73 -15.94
CA ARG A 230 1.32 -19.65 -16.60
C ARG A 230 1.82 -18.20 -16.56
N VAL A 231 3.10 -18.02 -16.25
CA VAL A 231 3.66 -16.71 -16.00
C VAL A 231 5.07 -16.60 -16.56
N PHE A 232 5.42 -15.37 -16.95
CA PHE A 232 6.74 -15.02 -17.42
C PHE A 232 7.21 -13.81 -16.63
N MET A 233 8.47 -13.82 -16.18
CA MET A 233 8.99 -12.73 -15.39
C MET A 233 10.31 -12.25 -15.99
N ALA A 234 11.43 -12.89 -15.60
CA ALA A 234 12.75 -12.40 -15.93
C ALA A 234 13.20 -12.87 -17.32
N HIS A 235 12.51 -13.88 -17.86
CA HIS A 235 12.71 -14.32 -19.23
C HIS A 235 11.35 -14.57 -19.85
N GLN A 236 11.26 -14.37 -21.18
CA GLN A 236 10.06 -14.66 -21.95
C GLN A 236 10.36 -15.71 -23.01
N ASP A 237 11.07 -16.76 -22.59
CA ASP A 237 11.23 -17.95 -23.41
C ASP A 237 9.97 -18.80 -23.26
N LEU A 238 9.15 -18.84 -24.31
CA LEU A 238 7.77 -19.29 -24.20
C LEU A 238 7.66 -20.81 -24.10
N ARG A 239 8.78 -21.52 -24.12
CA ARG A 239 8.78 -22.95 -23.83
C ARG A 239 8.75 -23.20 -22.33
N PHE A 240 9.17 -22.19 -21.55
CA PHE A 240 9.48 -22.37 -20.14
C PHE A 240 8.70 -21.38 -19.28
N PRO A 241 7.36 -21.40 -19.31
CA PRO A 241 6.56 -20.62 -18.36
C PRO A 241 6.78 -21.15 -16.95
N ARG A 242 6.55 -20.28 -15.95
CA ARG A 242 6.52 -20.71 -14.56
C ARG A 242 5.06 -20.83 -14.12
N ILE A 243 4.82 -21.82 -13.24
CA ILE A 243 3.46 -22.18 -12.85
C ILE A 243 3.18 -21.62 -11.46
N ALA A 244 2.27 -20.63 -11.39
CA ALA A 244 1.85 -20.04 -10.14
C ALA A 244 0.45 -20.51 -9.77
N PHE A 245 0.27 -20.90 -8.51
CA PHE A 245 -1.04 -21.24 -7.99
C PHE A 245 -1.68 -20.00 -7.36
N PHE A 246 -2.91 -19.68 -7.80
CA PHE A 246 -3.69 -18.65 -7.15
C PHE A 246 -4.91 -19.29 -6.48
N SER A 247 -5.37 -18.63 -5.40
CA SER A 247 -6.57 -19.06 -4.69
C SER A 247 -7.79 -18.80 -5.58
N THR A 248 -8.64 -19.82 -5.72
CA THR A 248 -9.83 -19.74 -6.54
C THR A 248 -11.01 -19.24 -5.71
N ARG A 249 -10.83 -19.15 -4.39
CA ARG A 249 -11.88 -18.77 -3.47
C ARG A 249 -11.21 -18.30 -2.18
N LEU A 250 -12.01 -18.06 -1.13
CA LEU A 250 -11.46 -17.90 0.21
C LEU A 250 -11.01 -19.27 0.71
N ILE A 251 -9.76 -19.34 1.18
CA ILE A 251 -9.27 -20.48 1.92
C ILE A 251 -9.20 -20.08 3.39
N GLU A 252 -9.87 -20.86 4.24
CA GLU A 252 -9.89 -20.59 5.67
C GLU A 252 -8.68 -21.23 6.31
N ALA A 253 -8.08 -20.52 7.27
CA ALA A 253 -6.98 -21.05 8.07
C ALA A 253 -7.31 -22.48 8.49
N GLY A 254 -6.37 -23.41 8.21
CA GLY A 254 -6.55 -24.80 8.56
C GLY A 254 -6.95 -25.68 7.37
N GLU A 255 -7.45 -25.07 6.28
CA GLU A 255 -7.79 -25.80 5.08
C GLU A 255 -6.53 -26.37 4.42
N GLN A 256 -6.65 -27.56 3.84
CA GLN A 256 -5.61 -28.10 2.98
C GLN A 256 -5.81 -27.54 1.57
N LEU A 257 -4.69 -27.27 0.91
CA LEU A 257 -4.66 -26.84 -0.47
C LEU A 257 -4.95 -28.04 -1.39
N GLY A 258 -5.34 -27.73 -2.63
CA GLY A 258 -5.51 -28.73 -3.67
C GLY A 258 -5.70 -28.07 -5.04
N PHE A 259 -5.32 -28.80 -6.10
CA PHE A 259 -5.66 -28.42 -7.45
C PHE A 259 -6.06 -29.68 -8.22
N ASP A 260 -6.62 -29.46 -9.42
CA ASP A 260 -7.00 -30.56 -10.29
C ASP A 260 -5.77 -31.03 -11.06
N TYR A 261 -5.38 -32.30 -10.86
CA TYR A 261 -4.21 -32.86 -11.50
C TYR A 261 -4.50 -33.04 -12.99
N GLY A 262 -3.72 -32.37 -13.84
CA GLY A 262 -3.92 -32.41 -15.28
C GLY A 262 -4.71 -31.20 -15.76
N TRP A 266 -4.93 -39.80 -12.68
CA TRP A 266 -6.41 -39.97 -12.86
C TRP A 266 -6.70 -40.45 -14.28
N ASP A 267 -5.93 -39.91 -15.22
CA ASP A 267 -5.93 -40.33 -16.60
C ASP A 267 -5.46 -41.78 -16.69
N ILE A 268 -4.50 -42.18 -15.84
CA ILE A 268 -3.95 -43.53 -15.77
C ILE A 268 -3.73 -43.88 -14.31
N LYS A 269 -2.94 -43.09 -13.57
CA LYS A 269 -2.72 -43.28 -12.15
C LYS A 269 -4.03 -43.57 -11.40
N GLY A 270 -5.13 -43.01 -11.91
CA GLY A 270 -6.46 -43.25 -11.37
C GLY A 270 -6.96 -44.67 -11.60
N LYS A 271 -6.16 -45.56 -12.21
CA LYS A 271 -6.58 -46.92 -12.50
C LYS A 271 -6.53 -47.79 -11.24
N LEU A 272 -6.03 -47.27 -10.10
CA LEU A 272 -6.21 -47.96 -8.84
C LEU A 272 -6.26 -46.98 -7.67
N PHE A 273 -5.37 -45.96 -7.62
CA PHE A 273 -5.50 -44.91 -6.63
C PHE A 273 -6.82 -44.16 -6.82
N SER A 274 -7.68 -44.24 -5.81
CA SER A 274 -8.95 -43.54 -5.81
C SER A 274 -8.93 -42.36 -4.85
N CYS A 275 -9.33 -41.21 -5.40
CA CYS A 275 -9.26 -39.95 -4.71
C CYS A 275 -10.02 -40.06 -3.39
N ARG A 276 -9.42 -39.54 -2.32
CA ARG A 276 -10.12 -39.33 -1.06
C ARG A 276 -10.06 -37.86 -0.66
N CYS A 277 -10.36 -36.97 -1.60
CA CYS A 277 -10.43 -35.53 -1.31
C CYS A 277 -11.52 -35.30 -0.25
N GLY A 278 -12.59 -36.11 -0.33
CA GLY A 278 -13.68 -36.03 0.65
C GLY A 278 -14.60 -34.86 0.36
N SER A 279 -14.93 -34.68 -0.94
CA SER A 279 -15.89 -33.68 -1.38
C SER A 279 -17.06 -34.37 -2.05
N PRO A 280 -18.30 -33.83 -1.94
CA PRO A 280 -19.48 -34.45 -2.54
C PRO A 280 -19.38 -34.85 -4.01
N LYS A 281 -18.47 -34.23 -4.78
CA LYS A 281 -18.49 -34.36 -6.23
C LYS A 281 -17.19 -34.98 -6.74
N CYS A 282 -16.56 -35.84 -5.92
CA CYS A 282 -15.30 -36.47 -6.28
C CYS A 282 -15.49 -37.36 -7.49
N ARG A 283 -14.86 -36.97 -8.62
CA ARG A 283 -15.08 -37.64 -9.89
C ARG A 283 -14.21 -38.89 -10.02
N HIS A 284 -13.26 -39.09 -9.11
CA HIS A 284 -12.30 -40.19 -9.19
C HIS A 284 -12.31 -40.98 -7.88
N SER A 285 -13.51 -41.15 -7.29
CA SER A 285 -13.66 -41.66 -5.94
C SER A 285 -13.33 -43.15 -5.89
N VAL B 25 -35.77 -11.68 31.69
CA VAL B 25 -34.36 -11.23 31.90
C VAL B 25 -33.87 -10.62 30.59
N GLU B 26 -33.88 -9.29 30.51
CA GLU B 26 -33.37 -8.56 29.35
C GLU B 26 -31.99 -7.99 29.67
N ARG B 27 -31.00 -8.32 28.82
CA ARG B 27 -29.60 -8.05 29.11
C ARG B 27 -29.06 -7.11 28.04
N ILE B 28 -28.57 -5.94 28.48
CA ILE B 28 -27.99 -4.95 27.58
C ILE B 28 -26.59 -5.42 27.18
N VAL B 29 -26.53 -6.24 26.13
CA VAL B 29 -25.30 -6.92 25.74
C VAL B 29 -24.33 -5.94 25.07
N SER B 30 -24.84 -4.77 24.64
CA SER B 30 -23.99 -3.65 24.23
C SER B 30 -24.70 -2.33 24.46
N ARG B 31 -23.96 -1.36 25.00
CA ARG B 31 -24.44 -0.03 25.34
C ARG B 31 -24.67 0.82 24.09
N ASP B 32 -23.80 0.60 23.09
CA ASP B 32 -23.82 1.35 21.84
C ASP B 32 -22.96 0.63 20.80
N ILE B 33 -23.59 0.03 19.79
CA ILE B 33 -22.86 -0.77 18.82
C ILE B 33 -22.05 0.13 17.88
N ALA B 34 -22.19 1.45 18.02
CA ALA B 34 -21.61 2.39 17.07
C ALA B 34 -20.41 3.12 17.66
N ARG B 35 -19.96 2.68 18.85
CA ARG B 35 -18.79 3.25 19.51
C ARG B 35 -18.85 4.78 19.57
N GLY B 36 -20.08 5.30 19.55
CA GLY B 36 -20.33 6.72 19.74
C GLY B 36 -20.19 7.55 18.46
N TYR B 37 -20.06 6.90 17.30
CA TYR B 37 -19.92 7.66 16.07
C TYR B 37 -21.22 8.38 15.73
N GLU B 38 -22.36 7.75 15.97
CA GLU B 38 -23.67 8.34 15.69
C GLU B 38 -23.95 9.46 16.70
N ARG B 39 -24.97 10.28 16.42
CA ARG B 39 -25.39 11.35 17.32
C ARG B 39 -25.95 10.80 18.62
N ILE B 40 -26.65 9.66 18.51
CA ILE B 40 -27.22 8.97 19.66
C ILE B 40 -26.63 7.55 19.70
N PRO B 41 -26.64 6.89 20.88
CA PRO B 41 -26.20 5.50 20.99
C PRO B 41 -27.24 4.49 20.49
N ILE B 42 -26.75 3.42 19.85
CA ILE B 42 -27.59 2.30 19.45
C ILE B 42 -27.19 1.09 20.28
N PRO B 43 -27.92 0.76 21.37
CA PRO B 43 -27.61 -0.40 22.19
C PRO B 43 -28.17 -1.70 21.61
N CYS B 44 -27.47 -2.80 21.90
CA CYS B 44 -27.92 -4.15 21.59
C CYS B 44 -28.47 -4.79 22.86
N VAL B 45 -29.58 -5.53 22.74
CA VAL B 45 -30.17 -6.23 23.86
C VAL B 45 -30.55 -7.63 23.43
N ASN B 46 -30.57 -8.56 24.40
CA ASN B 46 -30.97 -9.93 24.16
C ASN B 46 -31.76 -10.44 25.36
N ALA B 47 -32.99 -10.91 25.08
CA ALA B 47 -33.84 -11.52 26.08
C ALA B 47 -34.65 -12.65 25.42
N VAL B 48 -33.99 -13.40 24.54
CA VAL B 48 -34.58 -14.58 23.93
C VAL B 48 -33.62 -15.76 24.16
N ASP B 49 -32.49 -15.77 23.47
CA ASP B 49 -31.50 -16.82 23.60
C ASP B 49 -30.24 -16.25 24.27
N SER B 50 -29.14 -17.01 24.28
CA SER B 50 -27.90 -16.60 24.88
C SER B 50 -26.83 -16.37 23.80
N GLU B 51 -27.09 -15.40 22.93
CA GLU B 51 -26.15 -14.97 21.90
C GLU B 51 -25.54 -13.63 22.31
N PRO B 52 -24.20 -13.46 22.20
CA PRO B 52 -23.57 -12.17 22.48
C PRO B 52 -23.76 -11.17 21.34
N CYS B 53 -23.45 -9.90 21.62
CA CYS B 53 -23.61 -8.82 20.65
C CYS B 53 -22.84 -9.16 19.37
N PRO B 54 -23.49 -9.18 18.17
CA PRO B 54 -22.85 -9.63 16.94
C PRO B 54 -21.55 -8.86 16.69
N SER B 55 -20.55 -9.53 16.12
CA SER B 55 -19.22 -8.95 16.05
C SER B 55 -18.35 -9.60 14.97
N ASN B 56 -18.97 -9.99 13.85
CA ASN B 56 -18.22 -10.53 12.72
C ASN B 56 -17.99 -9.45 11.66
N TYR B 57 -18.34 -8.20 11.98
CA TYR B 57 -18.33 -7.08 11.05
C TYR B 57 -17.67 -5.87 11.70
N LYS B 58 -17.51 -4.79 10.92
CA LYS B 58 -16.96 -3.54 11.41
C LYS B 58 -18.01 -2.45 11.25
N TYR B 59 -18.46 -1.88 12.38
CA TYR B 59 -19.43 -0.79 12.32
C TYR B 59 -18.70 0.42 11.74
N VAL B 60 -19.19 0.89 10.59
CA VAL B 60 -18.79 2.15 10.01
C VAL B 60 -20.05 2.99 9.87
N SER B 61 -20.01 4.24 10.34
CA SER B 61 -21.20 5.08 10.28
C SER B 61 -21.40 5.62 8.87
N GLN B 62 -20.31 5.74 8.11
CA GLN B 62 -20.32 6.25 6.74
C GLN B 62 -19.87 5.15 5.79
N ASN B 63 -20.18 5.33 4.50
CA ASN B 63 -19.78 4.38 3.47
C ASN B 63 -18.26 4.41 3.30
N CYS B 64 -17.69 3.25 2.94
CA CYS B 64 -16.25 3.12 2.71
C CYS B 64 -16.02 2.35 1.41
N VAL B 65 -14.75 2.36 0.97
CA VAL B 65 -14.33 1.55 -0.16
C VAL B 65 -13.01 0.85 0.21
N THR B 66 -12.86 -0.38 -0.27
CA THR B 66 -11.57 -1.05 -0.26
C THR B 66 -10.89 -0.79 -1.61
N SER B 67 -11.44 -1.40 -2.67
CA SER B 67 -11.00 -1.18 -4.02
C SER B 67 -11.12 0.30 -4.35
N PRO B 68 -10.25 0.85 -5.22
CA PRO B 68 -10.39 2.24 -5.66
C PRO B 68 -11.68 2.39 -6.46
N MET B 69 -12.57 3.24 -5.95
CA MET B 69 -13.78 3.64 -6.66
C MET B 69 -13.63 5.11 -7.02
N ASN B 70 -13.49 5.41 -8.33
CA ASN B 70 -13.24 6.78 -8.78
C ASN B 70 -14.55 7.55 -8.74
N ILE B 71 -14.70 8.42 -7.72
CA ILE B 71 -15.89 9.22 -7.53
C ILE B 71 -15.55 10.67 -7.82
N ASP B 72 -16.43 11.36 -8.55
CA ASP B 72 -16.12 12.68 -9.05
C ASP B 72 -16.29 13.70 -7.94
N ARG B 73 -15.19 14.03 -7.25
CA ARG B 73 -15.23 15.00 -6.18
C ARG B 73 -14.67 16.34 -6.66
N ASN B 74 -14.71 16.55 -7.99
CA ASN B 74 -14.39 17.84 -8.57
C ASN B 74 -15.52 18.80 -8.18
N ILE B 75 -15.14 19.88 -7.49
CA ILE B 75 -16.11 20.77 -6.90
C ILE B 75 -16.86 21.51 -8.00
N THR B 76 -16.16 21.80 -9.11
CA THR B 76 -16.72 22.57 -10.20
C THR B 76 -17.82 21.79 -10.90
N HIS B 77 -17.77 20.45 -10.82
CA HIS B 77 -18.76 19.60 -11.46
C HIS B 77 -20.05 19.56 -10.66
N LEU B 78 -20.16 20.34 -9.57
CA LEU B 78 -21.35 20.34 -8.75
C LEU B 78 -22.40 21.26 -9.34
N GLN B 79 -23.63 20.76 -9.43
CA GLN B 79 -24.78 21.62 -9.56
C GLN B 79 -25.14 22.18 -8.19
N TYR B 80 -25.36 23.50 -8.12
CA TYR B 80 -25.62 24.17 -6.86
C TYR B 80 -26.71 25.22 -7.07
N CYS B 81 -27.21 25.79 -5.98
CA CYS B 81 -28.20 26.85 -6.06
C CYS B 81 -27.67 28.15 -5.47
N VAL B 82 -28.37 29.27 -5.75
CA VAL B 82 -27.92 30.59 -5.29
C VAL B 82 -29.00 31.22 -4.40
N CYS B 83 -29.89 30.39 -3.84
CA CYS B 83 -30.92 30.85 -2.92
C CYS B 83 -30.33 31.76 -1.84
N ILE B 84 -31.11 32.76 -1.41
CA ILE B 84 -30.77 33.53 -0.23
C ILE B 84 -31.88 33.38 0.82
N ASP B 85 -32.91 32.58 0.51
CA ASP B 85 -33.91 32.16 1.49
C ASP B 85 -33.41 30.87 2.16
N ASP B 86 -34.31 30.10 2.77
CA ASP B 86 -33.98 28.78 3.27
C ASP B 86 -34.33 27.73 2.21
N CYS B 87 -33.98 28.02 0.96
CA CYS B 87 -34.12 27.11 -0.16
C CYS B 87 -35.51 26.47 -0.24
N SER B 88 -36.53 27.28 0.13
CA SER B 88 -37.91 26.82 0.18
C SER B 88 -38.74 27.46 -0.92
N SER B 89 -38.13 28.37 -1.70
CA SER B 89 -38.74 28.88 -2.93
C SER B 89 -38.48 27.87 -4.06
N SER B 90 -39.30 27.93 -5.13
CA SER B 90 -39.15 27.00 -6.24
C SER B 90 -38.07 27.47 -7.22
N ASN B 91 -37.37 28.56 -6.87
CA ASN B 91 -36.19 28.99 -7.61
C ASN B 91 -34.99 28.10 -7.27
N CYS B 92 -35.14 27.26 -6.24
CA CYS B 92 -34.08 26.40 -5.76
C CYS B 92 -33.70 25.40 -6.85
N MET B 93 -32.51 25.59 -7.42
CA MET B 93 -31.98 24.70 -8.44
C MET B 93 -31.90 23.28 -7.89
N CYS B 94 -31.42 23.19 -6.65
CA CYS B 94 -31.32 21.93 -5.93
C CYS B 94 -32.70 21.29 -5.84
N GLY B 95 -33.71 22.07 -5.46
CA GLY B 95 -35.09 21.60 -5.43
C GLY B 95 -35.58 21.15 -6.81
N GLN B 96 -35.18 21.89 -7.84
CA GLN B 96 -35.60 21.59 -9.21
C GLN B 96 -35.04 20.24 -9.62
N LEU B 97 -33.74 20.04 -9.37
CA LEU B 97 -33.06 18.79 -9.69
C LEU B 97 -33.80 17.59 -9.11
N SER B 98 -34.40 17.78 -7.92
CA SER B 98 -35.16 16.73 -7.28
C SER B 98 -36.64 16.87 -7.61
N MET B 99 -36.96 17.51 -8.74
CA MET B 99 -38.32 17.82 -9.13
C MET B 99 -38.91 18.91 -8.23
N ARG B 100 -38.64 18.82 -6.92
CA ARG B 100 -39.33 19.63 -5.93
C ARG B 100 -38.70 19.33 -4.58
N CYS B 101 -38.42 20.36 -3.77
CA CYS B 101 -37.96 20.10 -2.42
C CYS B 101 -39.07 19.40 -1.65
N TRP B 102 -38.84 18.12 -1.35
CA TRP B 102 -39.88 17.26 -0.81
C TRP B 102 -39.99 17.38 0.71
N TYR B 103 -39.15 18.23 1.29
CA TYR B 103 -39.06 18.36 2.74
C TYR B 103 -40.01 19.44 3.22
N ASP B 104 -40.53 19.27 4.44
CA ASP B 104 -41.33 20.28 5.12
C ASP B 104 -40.44 21.02 6.11
N LYS B 105 -41.06 21.75 7.06
CA LYS B 105 -40.32 22.58 8.00
C LYS B 105 -39.64 21.71 9.06
N ASP B 106 -40.21 20.53 9.32
CA ASP B 106 -39.67 19.60 10.30
C ASP B 106 -38.77 18.57 9.63
N GLY B 107 -38.45 18.78 8.35
CA GLY B 107 -37.56 17.90 7.61
C GLY B 107 -38.22 16.57 7.25
N ARG B 108 -39.55 16.53 7.23
CA ARG B 108 -40.28 15.33 6.83
C ARG B 108 -40.73 15.47 5.38
N LEU B 109 -41.00 14.32 4.74
CA LEU B 109 -41.48 14.30 3.38
C LEU B 109 -42.91 14.85 3.34
N LEU B 110 -43.25 15.50 2.23
CA LEU B 110 -44.61 15.99 2.02
C LEU B 110 -45.50 14.80 1.72
N PRO B 111 -46.81 14.85 2.07
CA PRO B 111 -47.75 13.78 1.70
C PRO B 111 -47.86 13.54 0.19
N GLU B 112 -47.38 14.51 -0.58
CA GLU B 112 -47.34 14.41 -2.04
C GLU B 112 -46.32 13.35 -2.47
N PHE B 113 -45.29 13.10 -1.62
CA PHE B 113 -44.18 12.24 -1.98
C PHE B 113 -44.68 10.89 -2.46
N ASN B 114 -44.14 10.46 -3.61
CA ASN B 114 -44.55 9.21 -4.21
C ASN B 114 -43.77 8.07 -3.55
N MET B 115 -44.44 7.37 -2.63
CA MET B 115 -43.82 6.29 -1.87
C MET B 115 -43.51 5.11 -2.78
N ALA B 116 -44.39 4.86 -3.76
CA ALA B 116 -44.32 3.64 -4.55
C ALA B 116 -43.33 3.78 -5.71
N GLU B 117 -42.94 5.02 -6.05
CA GLU B 117 -41.97 5.27 -7.12
C GLU B 117 -41.21 6.54 -6.75
N PRO B 118 -40.27 6.48 -5.79
CA PRO B 118 -39.64 7.68 -5.24
C PRO B 118 -38.65 8.32 -6.22
N PRO B 119 -38.57 9.66 -6.27
CA PRO B 119 -37.61 10.34 -7.14
C PRO B 119 -36.23 10.39 -6.52
N LEU B 120 -35.25 10.81 -7.33
CA LEU B 120 -33.95 11.16 -6.79
C LEU B 120 -34.08 12.46 -6.04
N ILE B 121 -33.41 12.54 -4.89
CA ILE B 121 -33.36 13.75 -4.08
C ILE B 121 -31.95 14.33 -4.19
N PHE B 122 -31.88 15.64 -4.49
CA PHE B 122 -30.62 16.38 -4.49
C PHE B 122 -30.66 17.38 -3.34
N GLU B 123 -30.00 17.01 -2.24
CA GLU B 123 -29.82 17.92 -1.12
C GLU B 123 -28.79 18.96 -1.51
N CYS B 124 -28.79 20.06 -0.74
CA CYS B 124 -27.90 21.18 -0.98
C CYS B 124 -26.50 20.80 -0.51
N ASN B 125 -25.49 21.44 -1.09
CA ASN B 125 -24.11 21.02 -0.86
C ASN B 125 -23.27 22.26 -0.60
N HIS B 126 -22.01 22.01 -0.21
CA HIS B 126 -21.06 23.05 0.18
C HIS B 126 -20.77 24.01 -0.96
N ALA B 127 -21.30 23.72 -2.17
CA ALA B 127 -21.13 24.58 -3.31
C ALA B 127 -22.24 25.64 -3.37
N CYS B 128 -23.38 25.35 -2.74
CA CYS B 128 -24.52 26.25 -2.74
C CYS B 128 -24.23 27.52 -1.94
N SER B 129 -25.02 28.55 -2.24
CA SER B 129 -24.87 29.88 -1.69
C SER B 129 -25.54 29.96 -0.32
N CYS B 130 -26.49 29.05 -0.07
CA CYS B 130 -27.34 29.07 1.11
C CYS B 130 -26.59 28.62 2.35
N TRP B 131 -27.28 28.66 3.50
CA TRP B 131 -26.70 28.25 4.78
C TRP B 131 -26.96 26.78 5.06
N ARG B 132 -26.26 26.27 6.08
CA ARG B 132 -26.21 24.86 6.43
C ARG B 132 -27.54 24.38 7.03
N ASN B 133 -28.47 25.30 7.26
CA ASN B 133 -29.72 25.01 7.94
C ASN B 133 -30.92 25.24 7.04
N CYS B 134 -30.68 25.39 5.73
CA CYS B 134 -31.78 25.50 4.76
C CYS B 134 -32.59 24.21 4.78
N ARG B 135 -33.81 24.28 4.25
CA ARG B 135 -34.75 23.18 4.30
C ARG B 135 -34.21 21.91 3.65
N ASN B 136 -33.37 22.06 2.60
CA ASN B 136 -33.06 20.97 1.69
C ASN B 136 -31.80 20.22 2.15
N ARG B 137 -31.54 20.24 3.47
CA ARG B 137 -30.48 19.46 4.08
C ARG B 137 -31.10 18.62 5.19
N VAL B 138 -31.13 17.28 5.04
CA VAL B 138 -31.83 16.40 5.96
C VAL B 138 -31.05 15.10 6.18
N VAL B 139 -30.94 14.30 5.11
CA VAL B 139 -30.21 13.05 5.16
C VAL B 139 -28.75 13.36 5.49
N GLN B 140 -28.26 14.51 5.04
CA GLN B 140 -26.88 14.88 5.29
C GLN B 140 -26.62 15.15 6.77
N ASN B 141 -27.67 15.44 7.56
CA ASN B 141 -27.46 15.85 8.94
C ASN B 141 -27.17 14.65 9.85
N GLY B 142 -27.56 13.45 9.41
CA GLY B 142 -27.17 12.23 10.11
C GLY B 142 -28.40 11.51 10.64
N LEU B 143 -28.17 10.40 11.36
CA LEU B 143 -29.22 9.65 12.03
C LEU B 143 -29.55 10.36 13.34
N ARG B 144 -30.85 10.50 13.64
CA ARG B 144 -31.29 11.25 14.81
C ARG B 144 -32.22 10.42 15.68
N ALA B 145 -32.80 9.33 15.13
CA ALA B 145 -33.87 8.59 15.81
C ALA B 145 -33.30 7.65 16.88
N ARG B 146 -34.17 7.19 17.80
CA ARG B 146 -33.77 6.30 18.88
C ARG B 146 -34.02 4.85 18.46
N LEU B 147 -32.95 4.17 18.02
CA LEU B 147 -33.04 2.80 17.56
C LEU B 147 -32.38 1.89 18.59
N GLN B 148 -32.54 0.59 18.38
CA GLN B 148 -31.98 -0.43 19.25
C GLN B 148 -31.91 -1.74 18.49
N LEU B 149 -30.70 -2.31 18.43
CA LEU B 149 -30.49 -3.65 17.91
C LEU B 149 -31.01 -4.63 18.95
N TYR B 150 -31.88 -5.55 18.54
CA TYR B 150 -32.50 -6.48 19.48
C TYR B 150 -32.61 -7.85 18.84
N ARG B 151 -32.83 -8.88 19.69
CA ARG B 151 -32.94 -10.25 19.25
C ARG B 151 -34.40 -10.60 19.01
N THR B 152 -34.73 -10.96 17.76
CA THR B 152 -36.07 -11.41 17.42
C THR B 152 -36.20 -12.90 17.74
N ARG B 153 -37.45 -13.36 17.82
CA ARG B 153 -37.76 -14.75 18.11
C ARG B 153 -37.26 -15.65 16.99
N ASP B 154 -37.54 -15.23 15.74
CA ASP B 154 -37.56 -16.15 14.61
C ASP B 154 -36.87 -15.59 13.37
N MET B 155 -36.17 -14.45 13.50
CA MET B 155 -35.43 -13.87 12.38
C MET B 155 -33.98 -13.58 12.77
N GLY B 156 -33.56 -14.01 13.97
CA GLY B 156 -32.24 -13.68 14.48
C GLY B 156 -32.21 -12.27 15.08
N TRP B 157 -31.31 -11.43 14.58
CA TRP B 157 -31.20 -10.05 15.03
C TRP B 157 -32.15 -9.17 14.23
N GLY B 158 -32.56 -8.05 14.83
CA GLY B 158 -33.40 -7.06 14.18
C GLY B 158 -33.18 -5.68 14.78
N VAL B 159 -33.74 -4.65 14.15
CA VAL B 159 -33.63 -3.30 14.67
C VAL B 159 -35.04 -2.78 14.96
N ARG B 160 -35.19 -2.05 16.07
CA ARG B 160 -36.48 -1.48 16.42
C ARG B 160 -36.30 -0.06 16.96
N SER B 161 -37.35 0.74 16.83
CA SER B 161 -37.38 2.09 17.37
C SER B 161 -37.76 2.03 18.85
N LEU B 162 -37.26 3.00 19.62
CA LEU B 162 -37.60 3.13 21.03
C LEU B 162 -38.60 4.26 21.22
N GLN B 163 -39.07 4.86 20.11
CA GLN B 163 -39.89 6.05 20.16
C GLN B 163 -40.79 6.10 18.93
N ASP B 164 -41.98 6.66 19.11
CA ASP B 164 -42.88 6.93 17.99
C ASP B 164 -42.10 7.69 16.91
N ILE B 165 -42.22 7.23 15.66
CA ILE B 165 -41.62 7.88 14.51
C ILE B 165 -42.74 8.42 13.62
N PRO B 166 -42.81 9.74 13.40
CA PRO B 166 -43.79 10.31 12.46
C PRO B 166 -43.57 9.75 11.06
N PRO B 167 -44.63 9.61 10.24
CA PRO B 167 -44.45 9.24 8.84
C PRO B 167 -43.60 10.25 8.08
N GLY B 168 -42.85 9.73 7.10
CA GLY B 168 -42.04 10.56 6.23
C GLY B 168 -40.82 11.14 6.93
N THR B 169 -40.32 10.44 7.96
CA THR B 169 -39.15 10.87 8.70
C THR B 169 -37.96 10.03 8.23
N PHE B 170 -36.80 10.68 8.10
CA PHE B 170 -35.57 9.98 7.76
C PHE B 170 -35.11 9.16 8.95
N VAL B 171 -35.00 7.84 8.77
CA VAL B 171 -34.69 6.95 9.88
C VAL B 171 -33.18 6.72 9.94
N CYS B 172 -32.63 6.06 8.90
CA CYS B 172 -31.22 5.69 8.84
C CYS B 172 -30.78 5.43 7.40
N GLU B 173 -29.47 5.51 7.18
CA GLU B 173 -28.92 5.27 5.85
C GLU B 173 -28.42 3.83 5.77
N TYR B 174 -28.57 3.22 4.59
CA TYR B 174 -27.96 1.92 4.32
C TYR B 174 -26.51 2.15 3.92
N VAL B 175 -25.59 1.67 4.76
CA VAL B 175 -24.19 2.00 4.64
C VAL B 175 -23.35 0.72 4.63
N GLY B 176 -22.27 0.75 3.86
CA GLY B 176 -21.34 -0.35 3.75
C GLY B 176 -20.20 -0.08 2.76
N GLU B 177 -19.82 -1.12 2.03
CA GLU B 177 -18.66 -1.10 1.15
C GLU B 177 -19.16 -0.92 -0.29
N LEU B 178 -18.49 -0.07 -1.08
CA LEU B 178 -18.83 0.12 -2.49
C LEU B 178 -18.07 -0.86 -3.38
N ILE B 179 -18.83 -1.71 -4.11
CA ILE B 179 -18.24 -2.77 -4.93
C ILE B 179 -18.94 -2.80 -6.29
N SER B 180 -18.22 -3.29 -7.31
CA SER B 180 -18.73 -3.47 -8.65
C SER B 180 -19.59 -4.74 -8.72
N ASP B 181 -20.41 -4.83 -9.78
CA ASP B 181 -21.20 -6.02 -10.05
C ASP B 181 -20.25 -7.20 -10.30
N SER B 182 -19.10 -6.93 -10.94
CA SER B 182 -18.04 -7.92 -11.08
C SER B 182 -17.68 -8.45 -9.69
N GLU B 183 -17.31 -7.52 -8.80
CA GLU B 183 -16.86 -7.87 -7.46
C GLU B 183 -17.98 -8.57 -6.69
N ALA B 184 -19.23 -8.15 -6.92
CA ALA B 184 -20.37 -8.62 -6.15
C ALA B 184 -20.70 -10.08 -6.49
N ASP B 185 -20.45 -10.48 -7.74
CA ASP B 185 -20.80 -11.82 -8.20
C ASP B 185 -19.84 -12.84 -7.59
N VAL B 186 -18.57 -12.45 -7.42
CA VAL B 186 -17.55 -13.35 -6.91
C VAL B 186 -17.62 -13.42 -5.38
N ARG B 187 -18.33 -12.47 -4.75
CA ARG B 187 -18.54 -12.49 -3.31
C ARG B 187 -19.38 -13.72 -2.94
N GLU B 188 -18.86 -14.55 -2.04
CA GLU B 188 -19.58 -15.71 -1.54
C GLU B 188 -20.84 -15.26 -0.79
N GLU B 189 -20.64 -14.40 0.22
CA GLU B 189 -21.73 -13.90 1.04
C GLU B 189 -22.37 -12.68 0.37
N ASP B 190 -23.63 -12.83 -0.05
CA ASP B 190 -24.35 -11.78 -0.75
C ASP B 190 -25.59 -11.35 0.03
N SER B 191 -25.71 -11.77 1.29
CA SER B 191 -26.91 -11.52 2.07
C SER B 191 -26.98 -10.06 2.50
N TYR B 192 -25.88 -9.32 2.37
CA TYR B 192 -25.80 -7.97 2.90
C TYR B 192 -25.61 -6.94 1.77
N LEU B 193 -26.16 -7.25 0.59
CA LEU B 193 -25.94 -6.43 -0.59
C LEU B 193 -27.12 -5.50 -0.84
N PHE B 194 -26.93 -4.52 -1.74
CA PHE B 194 -27.97 -3.59 -2.15
C PHE B 194 -27.59 -3.00 -3.51
N ASP B 195 -28.38 -3.35 -4.54
CA ASP B 195 -28.12 -2.87 -5.90
C ASP B 195 -28.48 -1.39 -5.97
N LEU B 196 -27.59 -0.60 -6.59
CA LEU B 196 -27.76 0.84 -6.64
C LEU B 196 -28.56 1.28 -7.87
N ASP B 197 -28.03 1.03 -9.08
CA ASP B 197 -28.72 1.42 -10.30
C ASP B 197 -28.33 0.44 -11.42
N ASN B 198 -29.24 0.31 -12.39
CA ASN B 198 -29.13 -0.70 -13.43
C ASN B 198 -28.86 -0.08 -14.80
N LYS B 199 -28.93 1.26 -14.88
CA LYS B 199 -28.65 1.98 -16.11
C LYS B 199 -27.19 1.78 -16.52
N ASP B 200 -26.94 2.09 -17.79
CA ASP B 200 -25.63 2.00 -18.42
C ASP B 200 -25.21 0.54 -18.57
N GLY B 201 -26.12 -0.42 -18.37
CA GLY B 201 -25.78 -1.82 -18.25
C GLY B 201 -24.82 -2.19 -17.12
N GLU B 202 -24.33 -1.21 -16.34
CA GLU B 202 -23.34 -1.45 -15.30
C GLU B 202 -23.94 -1.10 -13.93
N VAL B 203 -23.69 -1.99 -12.96
CA VAL B 203 -24.30 -1.92 -11.65
C VAL B 203 -23.18 -1.81 -10.61
N TYR B 204 -23.37 -0.93 -9.62
CA TYR B 204 -22.56 -0.95 -8.42
C TYR B 204 -23.41 -1.43 -7.25
N CYS B 205 -22.74 -1.79 -6.15
CA CYS B 205 -23.41 -2.37 -5.00
C CYS B 205 -22.84 -1.84 -3.70
N ILE B 206 -23.65 -1.97 -2.64
CA ILE B 206 -23.19 -1.81 -1.28
C ILE B 206 -23.24 -3.19 -0.62
N ASP B 207 -22.07 -3.73 -0.23
CA ASP B 207 -22.03 -4.95 0.57
C ASP B 207 -21.78 -4.56 2.02
N ALA B 208 -22.83 -4.74 2.83
CA ALA B 208 -22.80 -4.43 4.25
C ALA B 208 -22.25 -5.61 5.04
N ARG B 209 -21.72 -6.62 4.33
CA ARG B 209 -21.24 -7.84 4.97
C ARG B 209 -20.07 -7.51 5.90
N PHE B 210 -18.99 -6.97 5.33
CA PHE B 210 -17.73 -6.83 6.06
C PHE B 210 -17.66 -5.45 6.74
N TYR B 211 -18.28 -4.45 6.10
CA TYR B 211 -18.43 -3.13 6.70
C TYR B 211 -19.88 -2.69 6.52
N GLY B 212 -20.48 -2.17 7.61
CA GLY B 212 -21.86 -1.71 7.59
C GLY B 212 -22.25 -0.99 8.88
N ASN B 213 -23.52 -0.58 8.93
CA ASN B 213 -24.08 0.11 10.08
C ASN B 213 -25.35 -0.63 10.51
N VAL B 214 -26.15 0.01 11.37
CA VAL B 214 -27.35 -0.61 11.90
C VAL B 214 -28.21 -1.18 10.78
N SER B 215 -28.20 -0.57 9.59
CA SER B 215 -29.07 -0.98 8.49
C SER B 215 -28.90 -2.46 8.15
N ARG B 216 -27.68 -2.99 8.30
CA ARG B 216 -27.39 -4.35 7.89
C ARG B 216 -28.25 -5.35 8.68
N PHE B 217 -28.83 -4.91 9.82
CA PHE B 217 -29.57 -5.79 10.70
C PHE B 217 -31.09 -5.70 10.47
N ILE B 218 -31.51 -4.76 9.62
CA ILE B 218 -32.93 -4.58 9.36
C ILE B 218 -33.42 -5.77 8.55
N ASN B 219 -34.52 -6.38 9.01
CA ASN B 219 -35.09 -7.56 8.36
C ASN B 219 -36.04 -7.10 7.25
N HIS B 220 -36.53 -8.06 6.46
CA HIS B 220 -37.52 -7.80 5.41
C HIS B 220 -38.92 -7.77 6.00
N HIS B 221 -39.85 -7.14 5.27
CA HIS B 221 -41.23 -7.05 5.69
C HIS B 221 -42.13 -6.78 4.47
N CYS B 222 -43.27 -7.47 4.40
CA CYS B 222 -44.12 -7.43 3.22
C CYS B 222 -45.16 -6.32 3.33
N GLU B 223 -45.27 -5.72 4.53
CA GLU B 223 -46.08 -4.54 4.76
C GLU B 223 -45.17 -3.43 5.29
N PRO B 224 -44.15 -2.99 4.52
CA PRO B 224 -42.99 -2.34 5.11
C PRO B 224 -43.28 -0.94 5.63
N ASN B 225 -42.62 -0.58 6.74
CA ASN B 225 -42.73 0.73 7.33
C ASN B 225 -41.55 1.60 6.90
N LEU B 226 -40.66 1.04 6.07
CA LEU B 226 -39.50 1.77 5.56
C LEU B 226 -39.45 1.67 4.04
N VAL B 227 -38.93 2.73 3.41
CA VAL B 227 -38.76 2.77 1.97
C VAL B 227 -37.39 3.35 1.66
N PRO B 228 -36.61 2.74 0.74
CA PRO B 228 -35.33 3.29 0.32
C PRO B 228 -35.49 4.43 -0.70
N VAL B 229 -34.70 5.49 -0.54
CA VAL B 229 -34.75 6.63 -1.43
C VAL B 229 -33.32 7.03 -1.80
N ARG B 230 -33.07 7.20 -3.11
CA ARG B 230 -31.75 7.52 -3.61
C ARG B 230 -31.50 9.01 -3.41
N VAL B 231 -30.28 9.35 -2.95
CA VAL B 231 -29.95 10.71 -2.55
C VAL B 231 -28.53 11.06 -2.97
N PHE B 232 -28.34 12.36 -3.25
CA PHE B 232 -27.04 12.92 -3.54
C PHE B 232 -26.83 14.14 -2.66
N MET B 233 -25.63 14.27 -2.09
CA MET B 233 -25.34 15.35 -1.17
C MET B 233 -24.07 16.06 -1.60
N ALA B 234 -22.90 15.60 -1.13
CA ALA B 234 -21.65 16.32 -1.32
C ALA B 234 -21.01 15.99 -2.67
N HIS B 235 -21.48 14.91 -3.32
CA HIS B 235 -21.08 14.62 -4.68
C HIS B 235 -22.33 14.20 -5.47
N GLN B 236 -22.31 14.51 -6.77
CA GLN B 236 -23.38 14.13 -7.69
C GLN B 236 -22.79 13.23 -8.77
N ASP B 237 -21.99 12.25 -8.36
CA ASP B 237 -21.60 11.15 -9.23
C ASP B 237 -22.74 10.13 -9.25
N LEU B 238 -23.47 10.07 -10.38
CA LEU B 238 -24.77 9.43 -10.43
C LEU B 238 -24.68 7.91 -10.43
N ARG B 239 -23.47 7.36 -10.41
CA ARG B 239 -23.29 5.92 -10.23
C ARG B 239 -23.41 5.55 -8.75
N PHE B 240 -23.20 6.53 -7.87
CA PHE B 240 -22.99 6.27 -6.46
C PHE B 240 -23.98 7.06 -5.60
N PRO B 241 -25.30 6.83 -5.76
CA PRO B 241 -26.29 7.43 -4.87
C PRO B 241 -26.14 6.83 -3.47
N ARG B 242 -26.59 7.57 -2.46
CA ARG B 242 -26.70 7.01 -1.12
C ARG B 242 -28.16 6.65 -0.85
N ILE B 243 -28.36 5.54 -0.12
CA ILE B 243 -29.69 4.99 0.10
C ILE B 243 -30.16 5.34 1.50
N ALA B 244 -31.19 6.18 1.56
CA ALA B 244 -31.81 6.62 2.81
C ALA B 244 -33.16 5.94 2.97
N PHE B 245 -33.42 5.43 4.17
CA PHE B 245 -34.71 4.86 4.52
C PHE B 245 -35.58 5.94 5.17
N PHE B 246 -36.78 6.13 4.63
CA PHE B 246 -37.78 6.99 5.27
C PHE B 246 -38.94 6.13 5.76
N SER B 247 -39.58 6.62 6.82
CA SER B 247 -40.78 5.98 7.37
C SER B 247 -41.93 6.15 6.38
N THR B 248 -42.62 5.05 6.08
CA THR B 248 -43.75 5.05 5.15
C THR B 248 -45.05 5.32 5.89
N ARG B 249 -44.99 5.30 7.22
CA ARG B 249 -46.16 5.47 8.07
C ARG B 249 -45.68 5.91 9.45
N LEU B 250 -46.59 5.95 10.42
CA LEU B 250 -46.18 6.07 11.81
C LEU B 250 -45.60 4.74 12.27
N ILE B 251 -44.41 4.80 12.86
CA ILE B 251 -43.83 3.66 13.56
C ILE B 251 -43.97 3.94 15.05
N GLU B 252 -44.60 3.01 15.77
CA GLU B 252 -44.80 3.14 17.21
C GLU B 252 -43.57 2.60 17.91
N ALA B 253 -43.15 3.29 18.98
CA ALA B 253 -42.05 2.84 19.82
C ALA B 253 -42.20 1.35 20.07
N GLY B 254 -41.13 0.59 19.80
CA GLY B 254 -41.13 -0.85 20.02
C GLY B 254 -41.29 -1.66 18.74
N GLU B 255 -41.83 -1.03 17.68
CA GLU B 255 -41.98 -1.68 16.38
C GLU B 255 -40.60 -1.98 15.78
N GLN B 256 -40.50 -3.14 15.11
CA GLN B 256 -39.31 -3.48 14.35
C GLN B 256 -39.41 -2.84 12.97
N LEU B 257 -38.27 -2.37 12.47
CA LEU B 257 -38.16 -1.80 11.14
C LEU B 257 -38.21 -2.93 10.11
N GLY B 258 -38.51 -2.55 8.87
CA GLY B 258 -38.47 -3.47 7.75
C GLY B 258 -38.69 -2.76 6.42
N PHE B 259 -38.11 -3.33 5.35
CA PHE B 259 -38.38 -2.86 4.00
C PHE B 259 -38.52 -4.07 3.09
N ASP B 260 -38.98 -3.81 1.85
CA ASP B 260 -39.11 -4.86 0.86
C ASP B 260 -37.75 -5.07 0.22
N TYR B 261 -37.21 -6.29 0.34
CA TYR B 261 -35.90 -6.61 -0.20
C TYR B 261 -35.90 -6.55 -1.74
N GLY B 262 -37.06 -6.33 -2.38
CA GLY B 262 -37.10 -5.93 -3.77
C GLY B 262 -35.90 -5.07 -4.19
N GLU B 263 -35.60 -4.03 -3.40
CA GLU B 263 -34.50 -3.12 -3.70
C GLU B 263 -33.34 -3.34 -2.72
N CYS B 275 -40.44 -16.23 4.93
CA CYS B 275 -40.59 -14.97 5.72
C CYS B 275 -41.52 -15.24 6.89
N ARG B 276 -41.16 -14.75 8.08
CA ARG B 276 -42.10 -14.66 9.19
C ARG B 276 -42.15 -13.22 9.68
N CYS B 277 -42.44 -12.29 8.76
CA CYS B 277 -42.68 -10.91 9.12
C CYS B 277 -43.89 -10.83 10.06
N GLY B 278 -44.86 -11.73 9.85
CA GLY B 278 -46.06 -11.78 10.68
C GLY B 278 -47.04 -10.66 10.30
N SER B 279 -47.23 -10.49 8.99
CA SER B 279 -48.25 -9.58 8.46
C SER B 279 -49.24 -10.40 7.64
N PRO B 280 -50.54 -10.03 7.64
CA PRO B 280 -51.57 -10.79 6.92
C PRO B 280 -51.28 -11.13 5.46
N LYS B 281 -50.41 -10.36 4.80
CA LYS B 281 -50.23 -10.44 3.36
C LYS B 281 -48.80 -10.79 2.99
N CYS B 282 -48.17 -11.65 3.81
CA CYS B 282 -46.78 -12.07 3.63
C CYS B 282 -46.60 -12.76 2.27
N ARG B 283 -45.84 -12.12 1.37
CA ARG B 283 -45.72 -12.55 -0.01
C ARG B 283 -44.72 -13.70 -0.16
N HIS B 284 -43.88 -13.93 0.86
CA HIS B 284 -42.84 -14.95 0.78
C HIS B 284 -42.93 -15.91 1.98
N SER B 285 -44.17 -16.27 2.35
CA SER B 285 -44.40 -17.02 3.59
C SER B 285 -43.93 -18.47 3.43
N ILE C 28 18.81 17.10 -5.13
CA ILE C 28 18.59 15.63 -5.28
C ILE C 28 18.05 15.39 -6.68
N VAL C 29 18.95 15.23 -7.65
CA VAL C 29 18.58 15.09 -9.06
C VAL C 29 17.98 13.70 -9.31
N SER C 30 18.19 12.76 -8.38
CA SER C 30 17.49 11.50 -8.38
C SER C 30 17.40 10.93 -6.97
N ARG C 31 16.23 10.43 -6.60
CA ARG C 31 15.99 9.92 -5.25
C ARG C 31 16.53 8.50 -5.11
N ASP C 32 16.63 7.75 -6.22
CA ASP C 32 17.17 6.39 -6.21
C ASP C 32 17.48 5.94 -7.65
N ILE C 33 18.76 5.84 -8.00
CA ILE C 33 19.15 5.54 -9.37
C ILE C 33 18.88 4.07 -9.68
N ALA C 34 18.42 3.30 -8.70
CA ALA C 34 18.29 1.86 -8.86
C ALA C 34 16.82 1.45 -8.98
N ARG C 35 15.92 2.43 -9.11
CA ARG C 35 14.50 2.20 -9.29
C ARG C 35 13.96 1.21 -8.26
N GLY C 36 14.62 1.16 -7.09
CA GLY C 36 14.15 0.36 -5.97
C GLY C 36 14.57 -1.11 -6.02
N TYR C 37 15.45 -1.48 -6.96
CA TYR C 37 15.87 -2.88 -7.07
C TYR C 37 16.72 -3.24 -5.86
N GLU C 38 17.59 -2.32 -5.40
CA GLU C 38 18.46 -2.59 -4.27
C GLU C 38 17.65 -2.58 -2.98
N ARG C 39 18.28 -3.07 -1.89
CA ARG C 39 17.69 -3.12 -0.56
C ARG C 39 17.44 -1.72 -0.01
N ILE C 40 18.36 -0.80 -0.34
CA ILE C 40 18.27 0.60 0.07
C ILE C 40 18.32 1.45 -1.20
N PRO C 41 17.82 2.71 -1.16
CA PRO C 41 17.93 3.63 -2.30
C PRO C 41 19.31 4.26 -2.44
N ILE C 42 19.73 4.42 -3.70
CA ILE C 42 20.96 5.13 -4.01
C ILE C 42 20.59 6.43 -4.75
N PRO C 43 20.53 7.58 -4.04
CA PRO C 43 20.19 8.85 -4.69
C PRO C 43 21.39 9.50 -5.38
N CYS C 44 21.10 10.26 -6.44
CA CYS C 44 22.08 11.09 -7.13
C CYS C 44 21.88 12.54 -6.69
N VAL C 45 22.98 13.26 -6.47
CA VAL C 45 22.93 14.66 -6.10
C VAL C 45 23.97 15.41 -6.93
N ASN C 46 23.69 16.70 -7.16
CA ASN C 46 24.60 17.59 -7.86
C ASN C 46 24.53 18.98 -7.23
N ALA C 47 25.70 19.46 -6.81
CA ALA C 47 25.84 20.82 -6.29
C ALA C 47 27.24 21.33 -6.69
N VAL C 48 27.63 21.05 -7.94
CA VAL C 48 28.84 21.59 -8.53
C VAL C 48 28.45 22.28 -9.83
N ASP C 49 28.10 21.50 -10.86
CA ASP C 49 27.71 22.05 -12.15
C ASP C 49 26.21 21.76 -12.35
N SER C 50 25.71 21.99 -13.58
CA SER C 50 24.31 21.77 -13.90
C SER C 50 24.18 20.61 -14.90
N GLU C 51 24.58 19.42 -14.43
CA GLU C 51 24.42 18.17 -15.17
C GLU C 51 23.26 17.38 -14.56
N PRO C 52 22.34 16.84 -15.38
CA PRO C 52 21.26 15.98 -14.86
C PRO C 52 21.76 14.58 -14.51
N CYS C 53 20.92 13.83 -13.77
CA CYS C 53 21.24 12.48 -13.35
C CYS C 53 21.62 11.62 -14.56
N PRO C 54 22.84 11.00 -14.59
CA PRO C 54 23.31 10.28 -15.78
C PRO C 54 22.29 9.25 -16.23
N SER C 55 22.19 9.06 -17.55
CA SER C 55 21.12 8.25 -18.10
C SER C 55 21.44 7.75 -19.50
N ASN C 56 22.71 7.44 -19.76
CA ASN C 56 23.13 6.86 -21.03
C ASN C 56 23.28 5.34 -20.89
N TYR C 57 22.85 4.79 -19.73
CA TYR C 57 23.08 3.39 -19.39
C TYR C 57 21.79 2.81 -18.80
N LYS C 58 21.80 1.49 -18.52
CA LYS C 58 20.67 0.81 -17.90
C LYS C 58 21.11 0.24 -16.55
N TYR C 59 20.53 0.74 -15.45
CA TYR C 59 20.85 0.21 -14.14
C TYR C 59 20.28 -1.21 -14.08
N VAL C 60 21.19 -2.18 -13.90
CA VAL C 60 20.84 -3.55 -13.60
C VAL C 60 21.53 -3.88 -12.28
N SER C 61 20.77 -4.44 -11.33
CA SER C 61 21.32 -4.75 -10.02
C SER C 61 22.17 -6.02 -10.08
N GLN C 62 21.85 -6.90 -11.04
CA GLN C 62 22.52 -8.17 -11.24
C GLN C 62 23.22 -8.18 -12.61
N ASN C 63 24.19 -9.08 -12.79
CA ASN C 63 24.89 -9.22 -14.05
C ASN C 63 23.94 -9.74 -15.12
N CYS C 64 24.16 -9.33 -16.38
CA CYS C 64 23.34 -9.76 -17.51
C CYS C 64 24.24 -10.13 -18.68
N VAL C 65 23.63 -10.74 -19.70
CA VAL C 65 24.34 -11.09 -20.92
C VAL C 65 23.45 -10.71 -22.11
N THR C 66 24.09 -10.23 -23.18
CA THR C 66 23.45 -10.08 -24.48
C THR C 66 23.72 -11.34 -25.30
N SER C 67 24.99 -11.52 -25.68
CA SER C 67 25.44 -12.73 -26.34
C SER C 67 25.11 -13.95 -25.48
N PRO C 68 24.87 -15.14 -26.08
CA PRO C 68 24.79 -16.37 -25.30
C PRO C 68 26.14 -16.66 -24.65
N MET C 69 26.14 -16.69 -23.31
CA MET C 69 27.29 -17.07 -22.52
C MET C 69 26.95 -18.38 -21.82
N ASN C 70 27.58 -19.49 -22.21
CA ASN C 70 27.22 -20.79 -21.66
C ASN C 70 27.86 -20.95 -20.28
N ILE C 71 27.03 -20.82 -19.25
CA ILE C 71 27.45 -20.94 -17.86
C ILE C 71 26.88 -22.24 -17.31
N ASP C 72 27.71 -22.98 -16.56
CA ASP C 72 27.34 -24.31 -16.10
C ASP C 72 26.41 -24.15 -14.90
N ARG C 73 25.10 -24.17 -15.16
CA ARG C 73 24.10 -24.09 -14.11
C ARG C 73 23.53 -25.48 -13.84
N ASN C 74 24.31 -26.51 -14.18
CA ASN C 74 23.97 -27.87 -13.78
C ASN C 74 24.16 -27.94 -12.28
N ILE C 75 23.07 -28.29 -11.58
CA ILE C 75 23.03 -28.22 -10.13
C ILE C 75 23.94 -29.30 -9.58
N THR C 76 24.03 -30.44 -10.28
CA THR C 76 24.78 -31.59 -9.80
C THR C 76 26.28 -31.28 -9.80
N HIS C 77 26.71 -30.34 -10.65
CA HIS C 77 28.11 -29.97 -10.74
C HIS C 77 28.52 -29.05 -9.59
N LEU C 78 27.62 -28.80 -8.62
CA LEU C 78 27.93 -27.94 -7.49
C LEU C 78 28.69 -28.71 -6.43
N GLN C 79 29.78 -28.11 -5.95
CA GLN C 79 30.39 -28.51 -4.69
C GLN C 79 29.58 -27.86 -3.58
N TYR C 80 29.21 -28.66 -2.56
CA TYR C 80 28.36 -28.18 -1.47
C TYR C 80 28.86 -28.77 -0.16
N CYS C 81 28.31 -28.29 0.95
CA CYS C 81 28.68 -28.81 2.26
C CYS C 81 27.46 -29.44 2.94
N VAL C 82 27.72 -30.23 4.00
CA VAL C 82 26.66 -30.96 4.69
C VAL C 82 26.59 -30.52 6.15
N CYS C 83 27.14 -29.35 6.46
CA CYS C 83 27.14 -28.82 7.82
C CYS C 83 25.76 -28.91 8.46
N ILE C 84 25.76 -29.17 9.77
CA ILE C 84 24.57 -29.13 10.59
C ILE C 84 24.71 -28.03 11.65
N ASP C 85 25.87 -27.36 11.70
CA ASP C 85 26.06 -26.13 12.46
C ASP C 85 25.69 -24.95 11.58
N ASP C 86 26.18 -23.75 11.91
CA ASP C 86 26.06 -22.58 11.05
C ASP C 86 27.33 -22.41 10.21
N CYS C 87 27.82 -23.54 9.67
CA CYS C 87 28.97 -23.57 8.76
C CYS C 87 30.18 -22.82 9.32
N SER C 88 30.34 -22.88 10.65
CA SER C 88 31.40 -22.16 11.34
C SER C 88 32.45 -23.12 11.88
N SER C 89 32.25 -24.44 11.72
CA SER C 89 33.28 -25.43 11.95
C SER C 89 34.17 -25.52 10.71
N SER C 90 35.39 -26.03 10.87
CA SER C 90 36.33 -26.16 9.76
C SER C 90 36.04 -27.40 8.91
N ASN C 91 34.97 -28.14 9.26
CA ASN C 91 34.48 -29.24 8.45
C ASN C 91 33.73 -28.71 7.22
N CYS C 92 33.46 -27.40 7.20
CA CYS C 92 32.74 -26.76 6.11
C CYS C 92 33.52 -26.91 4.80
N MET C 93 32.97 -27.75 3.91
CA MET C 93 33.56 -28.00 2.60
C MET C 93 33.66 -26.69 1.84
N CYS C 94 32.60 -25.89 1.93
CA CYS C 94 32.54 -24.58 1.31
C CYS C 94 33.68 -23.71 1.84
N GLY C 95 33.86 -23.71 3.17
CA GLY C 95 34.99 -23.01 3.77
C GLY C 95 36.34 -23.55 3.29
N GLN C 96 36.43 -24.87 3.12
CA GLN C 96 37.68 -25.49 2.69
C GLN C 96 38.02 -25.04 1.28
N LEU C 97 37.03 -25.07 0.38
CA LEU C 97 37.21 -24.64 -1.00
C LEU C 97 37.80 -23.23 -1.07
N SER C 98 37.42 -22.38 -0.11
CA SER C 98 37.94 -21.02 -0.05
C SER C 98 39.13 -20.96 0.90
N MET C 99 39.80 -22.10 1.11
CA MET C 99 40.90 -22.24 2.06
C MET C 99 40.37 -22.17 3.49
N ARG C 100 39.42 -21.28 3.75
CA ARG C 100 39.00 -20.97 5.10
C ARG C 100 37.82 -20.02 5.03
N CYS C 101 36.78 -20.24 5.84
CA CYS C 101 35.70 -19.27 5.87
C CYS C 101 36.25 -17.97 6.44
N TRP C 102 36.35 -16.94 5.59
CA TRP C 102 37.06 -15.72 5.92
C TRP C 102 36.15 -14.73 6.66
N TYR C 103 34.89 -15.14 6.89
CA TYR C 103 33.90 -14.25 7.46
C TYR C 103 33.90 -14.40 8.98
N ASP C 104 33.57 -13.31 9.68
CA ASP C 104 33.36 -13.32 11.12
C ASP C 104 31.86 -13.38 11.38
N LYS C 105 31.47 -13.11 12.63
CA LYS C 105 30.09 -13.24 13.07
C LYS C 105 29.26 -12.07 12.53
N ASP C 106 29.91 -10.95 12.22
CA ASP C 106 29.25 -9.77 11.70
C ASP C 106 29.37 -9.75 10.17
N GLY C 107 29.83 -10.84 9.57
CA GLY C 107 29.96 -10.95 8.13
C GLY C 107 31.11 -10.13 7.57
N ARG C 108 32.09 -9.77 8.40
CA ARG C 108 33.28 -9.04 7.95
C ARG C 108 34.44 -10.00 7.76
N LEU C 109 35.43 -9.57 6.96
CA LEU C 109 36.62 -10.38 6.73
C LEU C 109 37.45 -10.46 8.00
N LEU C 110 38.14 -11.58 8.21
CA LEU C 110 39.05 -11.72 9.33
C LEU C 110 40.30 -10.89 9.07
N PRO C 111 40.99 -10.38 10.11
CA PRO C 111 42.28 -9.68 9.92
C PRO C 111 43.35 -10.54 9.24
N GLU C 112 43.12 -11.85 9.21
CA GLU C 112 44.00 -12.78 8.53
C GLU C 112 43.91 -12.59 7.02
N PHE C 113 42.77 -12.09 6.53
CA PHE C 113 42.51 -12.02 5.09
C PHE C 113 43.65 -11.30 4.37
N ASN C 114 44.13 -11.92 3.29
CA ASN C 114 45.22 -11.34 2.53
C ASN C 114 44.67 -10.30 1.56
N MET C 115 44.80 -9.02 1.93
CA MET C 115 44.25 -7.92 1.16
C MET C 115 44.99 -7.78 -0.17
N ALA C 116 46.30 -8.04 -0.16
CA ALA C 116 47.16 -7.73 -1.29
C ALA C 116 47.15 -8.86 -2.32
N GLU C 117 46.65 -10.05 -1.93
CA GLU C 117 46.57 -11.17 -2.85
C GLU C 117 45.37 -12.03 -2.42
N PRO C 118 44.13 -11.59 -2.69
CA PRO C 118 42.94 -12.24 -2.13
C PRO C 118 42.66 -13.60 -2.75
N PRO C 119 42.19 -14.59 -1.97
CA PRO C 119 41.83 -15.90 -2.51
C PRO C 119 40.45 -15.88 -3.16
N LEU C 120 40.10 -16.96 -3.84
CA LEU C 120 38.73 -17.17 -4.28
C LEU C 120 37.91 -17.49 -3.03
N ILE C 121 36.69 -16.92 -2.98
CA ILE C 121 35.75 -17.22 -1.92
C ILE C 121 34.61 -18.04 -2.52
N PHE C 122 34.28 -19.15 -1.85
CA PHE C 122 33.15 -19.99 -2.21
C PHE C 122 32.11 -19.86 -1.09
N GLU C 123 31.10 -19.02 -1.34
CA GLU C 123 29.96 -18.91 -0.44
C GLU C 123 29.11 -20.17 -0.61
N CYS C 124 28.24 -20.40 0.40
CA CYS C 124 27.36 -21.54 0.42
C CYS C 124 26.23 -21.31 -0.58
N ASN C 125 25.67 -22.41 -1.09
CA ASN C 125 24.72 -22.31 -2.17
C ASN C 125 23.51 -23.19 -1.85
N HIS C 126 22.49 -23.07 -2.69
CA HIS C 126 21.21 -23.76 -2.53
C HIS C 126 21.38 -25.27 -2.58
N ALA C 127 22.59 -25.75 -2.87
CA ALA C 127 22.87 -27.18 -2.88
C ALA C 127 23.29 -27.66 -1.49
N CYS C 128 23.82 -26.74 -0.65
CA CYS C 128 24.27 -27.08 0.67
C CYS C 128 23.12 -27.47 1.59
N SER C 129 23.48 -28.21 2.64
CA SER C 129 22.54 -28.80 3.59
C SER C 129 22.13 -27.75 4.63
N CYS C 130 22.97 -26.73 4.80
CA CYS C 130 22.85 -25.73 5.86
C CYS C 130 21.72 -24.74 5.56
N TRP C 131 21.51 -23.81 6.51
CA TRP C 131 20.46 -22.81 6.41
C TRP C 131 20.96 -21.54 5.73
N ARG C 132 20.01 -20.68 5.35
CA ARG C 132 20.25 -19.51 4.53
C ARG C 132 20.96 -18.41 5.32
N ASN C 133 21.16 -18.63 6.62
CA ASN C 133 21.73 -17.63 7.52
C ASN C 133 23.08 -18.10 8.09
N CYS C 134 23.66 -19.15 7.52
CA CYS C 134 24.96 -19.61 7.96
C CYS C 134 26.02 -18.54 7.72
N ARG C 135 27.17 -18.68 8.37
CA ARG C 135 28.21 -17.65 8.32
C ARG C 135 28.67 -17.35 6.91
N ASN C 136 28.69 -18.36 6.02
CA ASN C 136 29.42 -18.30 4.76
C ASN C 136 28.51 -17.78 3.64
N ARG C 137 27.51 -16.97 3.99
CA ARG C 137 26.66 -16.29 3.04
C ARG C 137 26.70 -14.79 3.35
N VAL C 138 27.28 -13.97 2.45
CA VAL C 138 27.52 -12.56 2.73
C VAL C 138 27.28 -11.71 1.49
N VAL C 139 28.14 -11.90 0.48
CA VAL C 139 28.03 -11.19 -0.78
C VAL C 139 26.68 -11.56 -1.40
N GLN C 140 26.22 -12.78 -1.18
CA GLN C 140 24.97 -13.20 -1.77
C GLN C 140 23.77 -12.46 -1.18
N ASN C 141 23.91 -11.86 0.01
CA ASN C 141 22.78 -11.26 0.68
C ASN C 141 22.43 -9.90 0.08
N GLY C 142 23.39 -9.26 -0.58
CA GLY C 142 23.16 -8.00 -1.29
C GLY C 142 23.95 -6.86 -0.66
N LEU C 143 23.84 -5.66 -1.23
CA LEU C 143 24.47 -4.48 -0.64
C LEU C 143 23.58 -3.95 0.46
N ARG C 144 24.20 -3.55 1.59
CA ARG C 144 23.49 -3.07 2.76
C ARG C 144 23.94 -1.67 3.17
N ALA C 145 25.01 -1.15 2.55
CA ALA C 145 25.58 0.14 2.88
C ALA C 145 24.76 1.29 2.31
N ARG C 146 24.94 2.49 2.88
CA ARG C 146 24.28 3.69 2.41
C ARG C 146 25.21 4.42 1.45
N LEU C 147 24.91 4.30 0.16
CA LEU C 147 25.72 4.95 -0.86
C LEU C 147 24.95 6.13 -1.45
N GLN C 148 25.67 6.92 -2.24
CA GLN C 148 25.10 8.07 -2.92
C GLN C 148 25.98 8.42 -4.11
N LEU C 149 25.37 8.43 -5.30
CA LEU C 149 26.02 8.95 -6.49
C LEU C 149 26.07 10.47 -6.37
N TYR C 150 27.26 11.05 -6.54
CA TYR C 150 27.41 12.49 -6.37
C TYR C 150 28.37 13.02 -7.43
N ARG C 151 28.35 14.34 -7.62
CA ARG C 151 29.18 15.00 -8.62
C ARG C 151 30.47 15.49 -7.95
N THR C 152 31.61 14.98 -8.44
CA THR C 152 32.91 15.39 -7.95
C THR C 152 33.34 16.66 -8.67
N ARG C 153 34.31 17.35 -8.06
CA ARG C 153 34.81 18.59 -8.62
C ARG C 153 35.61 18.31 -9.89
N ASP C 154 36.38 17.22 -9.94
CA ASP C 154 37.44 17.09 -10.93
C ASP C 154 37.44 15.74 -11.65
N MET C 155 36.46 14.87 -11.37
CA MET C 155 36.46 13.51 -11.91
C MET C 155 35.10 13.17 -12.53
N GLY C 156 34.21 14.16 -12.63
CA GLY C 156 32.84 13.93 -13.09
C GLY C 156 31.97 13.37 -11.98
N TRP C 157 31.36 12.21 -12.23
CA TRP C 157 30.53 11.53 -11.24
C TRP C 157 31.40 10.66 -10.33
N GLY C 158 30.90 10.41 -9.11
CA GLY C 158 31.57 9.52 -8.16
C GLY C 158 30.56 8.93 -7.19
N VAL C 159 31.00 7.94 -6.40
CA VAL C 159 30.14 7.34 -5.40
C VAL C 159 30.75 7.56 -4.04
N ARG C 160 29.90 7.85 -3.04
CA ARG C 160 30.38 8.01 -1.68
C ARG C 160 29.43 7.33 -0.71
N SER C 161 30.00 6.97 0.45
CA SER C 161 29.22 6.43 1.54
C SER C 161 28.58 7.57 2.34
N LEU C 162 27.41 7.30 2.91
CA LEU C 162 26.72 8.26 3.76
C LEU C 162 26.86 7.83 5.23
N GLN C 163 27.68 6.80 5.49
CA GLN C 163 27.81 6.24 6.83
C GLN C 163 29.19 5.63 6.99
N ASP C 164 29.71 5.68 8.22
CA ASP C 164 30.95 5.00 8.56
C ASP C 164 30.84 3.54 8.11
N ILE C 165 31.88 3.05 7.43
CA ILE C 165 31.96 1.65 7.00
C ILE C 165 33.12 0.98 7.74
N PRO C 166 32.85 -0.06 8.56
CA PRO C 166 33.92 -0.80 9.22
C PRO C 166 34.85 -1.43 8.18
N PRO C 167 36.16 -1.60 8.47
CA PRO C 167 37.04 -2.32 7.57
C PRO C 167 36.58 -3.76 7.36
N GLY C 168 36.83 -4.28 6.16
CA GLY C 168 36.54 -5.67 5.82
C GLY C 168 35.04 -5.93 5.67
N THR C 169 34.28 -4.89 5.30
CA THR C 169 32.86 -4.99 5.08
C THR C 169 32.59 -5.04 3.58
N PHE C 170 31.63 -5.88 3.18
CA PHE C 170 31.23 -5.95 1.79
C PHE C 170 30.45 -4.69 1.42
N VAL C 171 30.93 -3.93 0.44
CA VAL C 171 30.33 -2.66 0.09
C VAL C 171 29.32 -2.86 -1.04
N CYS C 172 29.80 -3.24 -2.23
CA CYS C 172 28.97 -3.41 -3.42
C CYS C 172 29.65 -4.31 -4.44
N GLU C 173 28.85 -4.87 -5.36
CA GLU C 173 29.36 -5.76 -6.38
C GLU C 173 29.57 -4.97 -7.67
N TYR C 174 30.64 -5.30 -8.42
CA TYR C 174 30.85 -4.76 -9.75
C TYR C 174 30.01 -5.59 -10.74
N VAL C 175 29.02 -4.93 -11.34
CA VAL C 175 28.01 -5.62 -12.13
C VAL C 175 27.88 -4.95 -13.50
N GLY C 176 27.59 -5.78 -14.52
CA GLY C 176 27.38 -5.32 -15.89
C GLY C 176 27.15 -6.47 -16.87
N GLU C 177 27.73 -6.34 -18.07
CA GLU C 177 27.48 -7.23 -19.17
C GLU C 177 28.66 -8.20 -19.29
N LEU C 178 28.38 -9.49 -19.51
CA LEU C 178 29.44 -10.49 -19.69
C LEU C 178 29.84 -10.61 -21.15
N ILE C 179 31.12 -10.33 -21.44
CA ILE C 179 31.63 -10.33 -22.80
C ILE C 179 32.97 -11.07 -22.85
N SER C 180 33.29 -11.62 -24.03
CA SER C 180 34.55 -12.30 -24.27
C SER C 180 35.66 -11.28 -24.49
N ASP C 181 36.90 -11.74 -24.37
CA ASP C 181 38.07 -10.92 -24.69
C ASP C 181 38.02 -10.51 -26.16
N SER C 182 37.54 -11.42 -27.03
CA SER C 182 37.27 -11.11 -28.43
C SER C 182 36.38 -9.88 -28.50
N GLU C 183 35.22 -9.98 -27.85
CA GLU C 183 34.20 -8.94 -27.87
C GLU C 183 34.75 -7.66 -27.26
N ALA C 184 35.57 -7.80 -26.21
CA ALA C 184 36.04 -6.67 -25.43
C ALA C 184 37.02 -5.81 -26.22
N ASP C 185 37.81 -6.45 -27.09
CA ASP C 185 38.86 -5.77 -27.84
C ASP C 185 38.24 -4.91 -28.93
N VAL C 186 37.12 -5.36 -29.50
CA VAL C 186 36.46 -4.63 -30.59
C VAL C 186 35.58 -3.52 -30.03
N ARG C 187 35.28 -3.56 -28.72
CA ARG C 187 34.52 -2.51 -28.07
C ARG C 187 35.32 -1.21 -28.11
N GLU C 188 34.72 -0.16 -28.70
CA GLU C 188 35.36 1.15 -28.78
C GLU C 188 35.50 1.73 -27.38
N GLU C 189 34.39 1.80 -26.63
CA GLU C 189 34.37 2.33 -25.28
C GLU C 189 34.73 1.22 -24.30
N ASP C 190 35.89 1.39 -23.65
CA ASP C 190 36.45 0.37 -22.76
C ASP C 190 36.62 0.92 -21.35
N SER C 191 36.02 2.09 -21.06
CA SER C 191 36.27 2.76 -19.79
C SER C 191 35.52 2.05 -18.65
N TYR C 192 34.59 1.14 -18.99
CA TYR C 192 33.72 0.56 -17.99
C TYR C 192 33.94 -0.95 -17.91
N LEU C 193 35.18 -1.40 -18.18
CA LEU C 193 35.48 -2.82 -18.28
C LEU C 193 36.13 -3.30 -16.98
N PHE C 194 36.21 -4.63 -16.84
CA PHE C 194 36.87 -5.27 -15.71
C PHE C 194 37.28 -6.69 -16.11
N ASP C 195 38.58 -6.94 -16.20
CA ASP C 195 39.08 -8.26 -16.55
C ASP C 195 38.85 -9.23 -15.41
N LEU C 196 38.33 -10.43 -15.74
CA LEU C 196 38.09 -11.47 -14.74
C LEU C 196 39.33 -12.34 -14.63
N ASP C 197 39.33 -13.55 -15.22
CA ASP C 197 40.46 -14.45 -15.11
C ASP C 197 41.41 -14.17 -16.27
N ASN C 198 42.71 -14.40 -16.03
CA ASN C 198 43.73 -14.30 -17.06
C ASN C 198 44.41 -15.67 -17.24
N GLU C 202 41.97 -18.04 -21.95
CA GLU C 202 40.78 -17.22 -22.33
C GLU C 202 40.43 -16.28 -21.19
N VAL C 203 40.07 -15.05 -21.55
CA VAL C 203 39.68 -14.03 -20.60
C VAL C 203 38.22 -13.66 -20.90
N TYR C 204 37.42 -13.48 -19.84
CA TYR C 204 36.10 -12.85 -19.96
C TYR C 204 36.15 -11.50 -19.28
N CYS C 205 35.12 -10.68 -19.55
CA CYS C 205 35.08 -9.31 -19.06
C CYS C 205 33.67 -8.93 -18.62
N ILE C 206 33.60 -7.91 -17.77
CA ILE C 206 32.37 -7.20 -17.49
C ILE C 206 32.50 -5.80 -18.09
N ASP C 207 31.65 -5.47 -19.07
CA ASP C 207 31.54 -4.10 -19.55
C ASP C 207 30.31 -3.45 -18.94
N ALA C 208 30.57 -2.52 -18.02
CA ALA C 208 29.54 -1.79 -17.30
C ALA C 208 29.08 -0.59 -18.11
N ARG C 209 29.53 -0.49 -19.37
CA ARG C 209 29.23 0.65 -20.21
C ARG C 209 27.72 0.74 -20.45
N PHE C 210 27.14 -0.29 -21.06
CA PHE C 210 25.77 -0.24 -21.55
C PHE C 210 24.80 -0.76 -20.48
N TYR C 211 25.26 -1.70 -19.65
CA TYR C 211 24.52 -2.16 -18.49
C TYR C 211 25.47 -2.22 -17.30
N GLY C 212 25.03 -1.70 -16.15
CA GLY C 212 25.84 -1.68 -14.92
C GLY C 212 25.04 -1.23 -13.70
N ASN C 213 25.74 -1.14 -12.57
CA ASN C 213 25.17 -0.69 -11.31
C ASN C 213 26.03 0.45 -10.77
N VAL C 214 25.82 0.81 -9.50
CA VAL C 214 26.52 1.91 -8.88
C VAL C 214 28.04 1.80 -9.10
N SER C 215 28.55 0.56 -9.17
CA SER C 215 29.99 0.34 -9.27
C SER C 215 30.61 1.08 -10.44
N ARG C 216 29.87 1.19 -11.55
CA ARG C 216 30.39 1.78 -12.76
C ARG C 216 30.84 3.23 -12.54
N PHE C 217 30.37 3.86 -11.45
CA PHE C 217 30.64 5.26 -11.19
C PHE C 217 31.78 5.46 -10.20
N ILE C 218 32.29 4.37 -9.62
CA ILE C 218 33.38 4.45 -8.67
C ILE C 218 34.65 4.84 -9.43
N ASN C 219 35.34 5.87 -8.93
CA ASN C 219 36.56 6.37 -9.55
C ASN C 219 37.77 5.57 -9.05
N HIS C 220 38.95 5.82 -9.64
CA HIS C 220 40.20 5.19 -9.24
C HIS C 220 40.82 5.92 -8.06
N HIS C 221 41.72 5.25 -7.35
CA HIS C 221 42.43 5.83 -6.22
C HIS C 221 43.71 5.04 -5.94
N CYS C 222 44.82 5.73 -5.67
CA CYS C 222 46.12 5.08 -5.56
C CYS C 222 46.39 4.61 -4.13
N GLU C 223 45.57 5.07 -3.18
CA GLU C 223 45.58 4.56 -1.83
C GLU C 223 44.18 4.04 -1.52
N PRO C 224 43.74 2.97 -2.20
CA PRO C 224 42.32 2.66 -2.29
C PRO C 224 41.72 2.15 -0.99
N ASN C 225 40.45 2.50 -0.76
CA ASN C 225 39.70 2.04 0.39
C ASN C 225 38.84 0.84 0.01
N LEU C 226 38.91 0.41 -1.27
CA LEU C 226 38.18 -0.75 -1.75
C LEU C 226 39.12 -1.73 -2.44
N VAL C 227 38.79 -3.01 -2.33
CA VAL C 227 39.55 -4.07 -2.97
C VAL C 227 38.57 -5.06 -3.61
N PRO C 228 38.82 -5.46 -4.88
CA PRO C 228 38.00 -6.47 -5.54
C PRO C 228 38.36 -7.89 -5.11
N VAL C 229 37.33 -8.73 -4.89
CA VAL C 229 37.53 -10.11 -4.50
C VAL C 229 36.64 -11.01 -5.35
N ARG C 230 37.22 -12.05 -5.93
CA ARG C 230 36.51 -12.98 -6.78
C ARG C 230 35.70 -13.94 -5.91
N VAL C 231 34.44 -14.18 -6.31
CA VAL C 231 33.49 -14.94 -5.49
C VAL C 231 32.62 -15.81 -6.37
N PHE C 232 32.20 -16.94 -5.78
CA PHE C 232 31.27 -17.87 -6.40
C PHE C 232 30.13 -18.13 -5.41
N MET C 233 28.91 -18.12 -5.92
CA MET C 233 27.75 -18.33 -5.06
C MET C 233 26.89 -19.44 -5.66
N ALA C 234 25.97 -19.09 -6.58
CA ALA C 234 24.95 -20.03 -7.02
C ALA C 234 25.46 -20.90 -8.16
N HIS C 235 26.57 -20.50 -8.79
CA HIS C 235 27.25 -21.33 -9.77
C HIS C 235 28.74 -21.27 -9.50
N GLN C 236 29.43 -22.39 -9.81
CA GLN C 236 30.88 -22.47 -9.67
C GLN C 236 31.51 -22.74 -11.04
N ASP C 237 31.04 -22.00 -12.05
CA ASP C 237 31.71 -21.96 -13.34
C ASP C 237 32.88 -20.98 -13.23
N LEU C 238 34.11 -21.53 -13.24
CA LEU C 238 35.29 -20.81 -12.78
C LEU C 238 35.77 -19.78 -13.79
N ARG C 239 35.12 -19.68 -14.95
CA ARG C 239 35.39 -18.62 -15.91
C ARG C 239 34.68 -17.33 -15.49
N PHE C 240 33.62 -17.46 -14.67
CA PHE C 240 32.68 -16.38 -14.45
C PHE C 240 32.52 -16.08 -12.96
N PRO C 241 33.62 -15.70 -12.27
CA PRO C 241 33.52 -15.22 -10.90
C PRO C 241 32.74 -13.90 -10.85
N ARG C 242 32.16 -13.60 -9.69
CA ARG C 242 31.58 -12.28 -9.46
C ARG C 242 32.54 -11.47 -8.61
N ILE C 243 32.58 -10.15 -8.88
CA ILE C 243 33.57 -9.27 -8.30
C ILE C 243 32.92 -8.45 -7.19
N ALA C 244 33.31 -8.72 -5.95
CA ALA C 244 32.82 -8.00 -4.78
C ALA C 244 33.90 -7.06 -4.25
N PHE C 245 33.51 -5.82 -3.95
CA PHE C 245 34.40 -4.86 -3.31
C PHE C 245 34.22 -4.94 -1.79
N PHE C 246 35.34 -5.11 -1.09
CA PHE C 246 35.36 -5.00 0.37
C PHE C 246 36.16 -3.77 0.76
N SER C 247 35.78 -3.20 1.91
CA SER C 247 36.49 -2.08 2.50
C SER C 247 37.87 -2.56 2.99
N THR C 248 38.92 -1.82 2.61
CA THR C 248 40.28 -2.15 3.00
C THR C 248 40.64 -1.47 4.31
N ARG C 249 39.78 -0.55 4.77
CA ARG C 249 40.00 0.21 5.98
C ARG C 249 38.65 0.71 6.49
N LEU C 250 38.65 1.59 7.49
CA LEU C 250 37.45 2.33 7.84
C LEU C 250 37.23 3.40 6.76
N ILE C 251 36.00 3.43 6.24
CA ILE C 251 35.54 4.53 5.40
C ILE C 251 34.60 5.38 6.25
N GLU C 252 34.90 6.67 6.37
CA GLU C 252 34.08 7.60 7.12
C GLU C 252 32.96 8.11 6.22
N ALA C 253 31.75 8.24 6.80
CA ALA C 253 30.62 8.82 6.11
C ALA C 253 31.08 10.07 5.35
N GLY C 254 30.77 10.13 4.05
CA GLY C 254 31.13 11.27 3.23
C GLY C 254 32.32 11.01 2.32
N GLU C 255 33.14 10.00 2.66
CA GLU C 255 34.29 9.62 1.84
C GLU C 255 33.81 9.06 0.51
N GLN C 256 34.57 9.37 -0.55
CA GLN C 256 34.33 8.77 -1.85
C GLN C 256 35.07 7.43 -1.91
N LEU C 257 34.43 6.46 -2.57
CA LEU C 257 35.01 5.15 -2.77
C LEU C 257 36.08 5.25 -3.86
N GLY C 258 36.94 4.22 -3.90
CA GLY C 258 37.94 4.08 -4.93
C GLY C 258 38.63 2.71 -4.87
N PHE C 259 39.07 2.23 -6.03
CA PHE C 259 39.94 1.06 -6.09
C PHE C 259 41.02 1.31 -7.13
N ASP C 260 42.02 0.41 -7.15
CA ASP C 260 43.10 0.48 -8.10
C ASP C 260 42.63 -0.16 -9.41
N TYR C 261 42.61 0.63 -10.49
CA TYR C 261 42.14 0.14 -11.77
C TYR C 261 43.11 -0.87 -12.38
N GLY C 262 44.36 -0.93 -11.89
CA GLY C 262 45.38 -1.72 -12.56
C GLY C 262 46.26 -0.87 -13.48
N GLU C 263 46.98 -1.55 -14.40
CA GLU C 263 48.09 -0.94 -15.13
C GLU C 263 47.76 -0.67 -16.59
N ARG C 264 47.04 -1.59 -17.26
CA ARG C 264 46.70 -1.42 -18.66
C ARG C 264 45.95 -0.10 -18.84
N PHE C 265 45.13 0.28 -17.85
CA PHE C 265 44.41 1.55 -17.90
C PHE C 265 45.41 2.70 -17.96
N TRP C 266 46.27 2.81 -16.95
CA TRP C 266 47.12 3.98 -16.79
C TRP C 266 48.36 3.93 -17.68
N ASP C 267 48.44 2.91 -18.56
CA ASP C 267 49.54 2.84 -19.52
C ASP C 267 49.11 3.54 -20.82
N ILE C 268 47.82 3.42 -21.18
CA ILE C 268 47.27 4.02 -22.40
C ILE C 268 46.38 5.21 -22.02
N LYS C 269 45.30 4.95 -21.27
CA LYS C 269 44.37 5.99 -20.88
C LYS C 269 45.12 7.06 -20.08
N GLY C 270 46.21 6.66 -19.42
CA GLY C 270 47.05 7.60 -18.68
C GLY C 270 47.71 8.66 -19.56
N LYS C 271 47.82 8.34 -20.86
CA LYS C 271 48.41 9.26 -21.83
C LYS C 271 47.48 10.46 -22.04
N LEU C 272 46.17 10.23 -21.88
CA LEU C 272 45.17 11.24 -22.16
C LEU C 272 44.71 11.89 -20.86
N PHE C 273 44.22 11.07 -19.91
CA PHE C 273 43.69 11.57 -18.66
C PHE C 273 44.87 11.66 -17.69
N SER C 274 44.58 11.62 -16.40
CA SER C 274 45.59 11.52 -15.35
C SER C 274 44.87 11.34 -14.04
N CYS C 275 45.40 10.48 -13.16
CA CYS C 275 44.75 10.30 -11.87
C CYS C 275 44.73 11.65 -11.14
N ARG C 276 43.57 12.04 -10.58
CA ARG C 276 43.50 13.14 -9.63
C ARG C 276 42.89 12.64 -8.33
N CYS C 277 43.42 11.53 -7.81
CA CYS C 277 43.01 11.02 -6.52
C CYS C 277 43.32 12.05 -5.45
N GLY C 278 44.43 12.78 -5.62
CA GLY C 278 44.87 13.79 -4.67
C GLY C 278 45.49 13.17 -3.42
N SER C 279 46.34 12.16 -3.63
CA SER C 279 46.94 11.38 -2.56
C SER C 279 48.46 11.49 -2.69
N PRO C 280 49.22 11.44 -1.57
CA PRO C 280 50.67 11.63 -1.62
C PRO C 280 51.43 10.72 -2.59
N LYS C 281 50.86 9.56 -2.94
CA LYS C 281 51.60 8.51 -3.64
C LYS C 281 50.95 8.20 -4.98
N CYS C 282 50.35 9.22 -5.62
CA CYS C 282 49.66 9.04 -6.89
C CYS C 282 50.65 8.60 -7.97
N ARG C 283 50.50 7.37 -8.46
CA ARG C 283 51.47 6.76 -9.37
C ARG C 283 51.21 7.22 -10.81
N HIS C 284 50.03 7.80 -11.08
CA HIS C 284 49.60 8.08 -12.44
C HIS C 284 49.13 9.55 -12.54
N SER C 285 49.87 10.45 -11.86
CA SER C 285 49.46 11.83 -11.74
C SER C 285 49.64 12.57 -13.07
N VAL D 25 -16.58 53.14 16.32
CA VAL D 25 -17.86 52.71 15.68
C VAL D 25 -17.60 51.40 14.93
N GLU D 26 -17.96 50.28 15.55
CA GLU D 26 -17.65 48.95 15.03
C GLU D 26 -18.92 48.31 14.48
N ARG D 27 -18.88 47.93 13.20
CA ARG D 27 -20.04 47.40 12.51
C ARG D 27 -19.81 45.94 12.14
N ILE D 28 -20.76 45.10 12.59
CA ILE D 28 -20.76 43.67 12.31
C ILE D 28 -21.17 43.47 10.84
N VAL D 29 -20.16 43.48 9.95
CA VAL D 29 -20.40 43.41 8.51
C VAL D 29 -20.80 41.98 8.12
N SER D 30 -20.54 41.00 8.99
CA SER D 30 -21.05 39.66 8.80
C SER D 30 -21.16 38.94 10.14
N ARG D 31 -22.28 38.24 10.35
CA ARG D 31 -22.55 37.57 11.62
C ARG D 31 -21.81 36.22 11.67
N ASP D 32 -21.52 35.61 10.51
CA ASP D 32 -20.80 34.35 10.42
C ASP D 32 -20.33 34.11 8.98
N ILE D 33 -19.01 34.22 8.75
CA ILE D 33 -18.49 34.14 7.39
C ILE D 33 -18.53 32.70 6.88
N ALA D 34 -18.95 31.75 7.73
CA ALA D 34 -18.88 30.34 7.41
C ALA D 34 -20.25 29.75 7.10
N ARG D 35 -21.26 30.63 6.99
CA ARG D 35 -22.61 30.23 6.64
C ARG D 35 -23.09 29.07 7.51
N GLY D 36 -22.53 28.96 8.71
CA GLY D 36 -22.96 27.97 9.70
C GLY D 36 -22.37 26.57 9.49
N TYR D 37 -21.38 26.43 8.60
CA TYR D 37 -20.78 25.13 8.39
C TYR D 37 -19.97 24.72 9.63
N GLU D 38 -19.27 25.69 10.23
CA GLU D 38 -18.48 25.45 11.42
C GLU D 38 -19.39 25.19 12.62
N ARG D 39 -18.79 24.63 13.69
CA ARG D 39 -19.51 24.34 14.91
C ARG D 39 -19.84 25.64 15.63
N ILE D 40 -19.02 26.69 15.47
CA ILE D 40 -19.28 28.01 16.02
C ILE D 40 -19.31 29.02 14.88
N PRO D 41 -19.98 30.18 15.06
CA PRO D 41 -19.95 31.25 14.06
C PRO D 41 -18.67 32.10 14.11
N ILE D 42 -18.17 32.47 12.93
CA ILE D 42 -17.04 33.38 12.82
C ILE D 42 -17.55 34.68 12.19
N PRO D 43 -17.82 35.72 12.99
CA PRO D 43 -18.29 37.01 12.46
C PRO D 43 -17.16 37.89 11.96
N CYS D 44 -17.46 38.72 10.96
CA CYS D 44 -16.56 39.74 10.45
C CYS D 44 -17.01 41.10 10.99
N VAL D 45 -16.04 41.94 11.38
CA VAL D 45 -16.32 43.28 11.87
C VAL D 45 -15.34 44.25 11.23
N ASN D 46 -15.76 45.52 11.12
CA ASN D 46 -14.92 46.58 10.57
C ASN D 46 -15.18 47.88 11.35
N ALA D 47 -14.09 48.46 11.87
CA ALA D 47 -14.13 49.74 12.56
C ALA D 47 -12.85 50.51 12.27
N VAL D 48 -12.39 50.43 11.02
CA VAL D 48 -11.25 51.20 10.56
C VAL D 48 -11.69 51.98 9.31
N ASP D 49 -11.87 51.26 8.19
CA ASP D 49 -12.28 51.86 6.93
C ASP D 49 -13.70 51.40 6.62
N SER D 50 -14.18 51.69 5.40
CA SER D 50 -15.52 51.31 4.98
C SER D 50 -15.46 50.25 3.89
N GLU D 51 -14.91 49.09 4.25
CA GLU D 51 -14.86 47.93 3.38
C GLU D 51 -15.88 46.90 3.83
N PRO D 52 -16.66 46.31 2.90
CA PRO D 52 -17.58 45.23 3.25
C PRO D 52 -16.85 43.90 3.46
N CYS D 53 -17.57 42.94 4.04
CA CYS D 53 -17.06 41.62 4.33
C CYS D 53 -16.46 40.99 3.08
N PRO D 54 -15.18 40.56 3.10
CA PRO D 54 -14.50 40.05 1.90
C PRO D 54 -15.30 38.91 1.26
N SER D 55 -15.27 38.84 -0.08
CA SER D 55 -16.18 37.96 -0.80
C SER D 55 -15.68 37.66 -2.20
N ASN D 56 -14.36 37.54 -2.37
CA ASN D 56 -13.77 37.15 -3.64
C ASN D 56 -13.45 35.66 -3.67
N TYR D 57 -13.88 34.93 -2.62
CA TYR D 57 -13.51 33.54 -2.38
C TYR D 57 -14.75 32.75 -1.97
N LYS D 58 -14.58 31.43 -1.82
CA LYS D 58 -15.65 30.54 -1.37
C LYS D 58 -15.23 29.91 -0.04
N TYR D 59 -15.97 30.21 1.04
CA TYR D 59 -15.68 29.59 2.31
C TYR D 59 -16.05 28.12 2.19
N VAL D 60 -15.03 27.26 2.37
CA VAL D 60 -15.21 25.83 2.51
C VAL D 60 -14.60 25.46 3.85
N SER D 61 -15.36 24.71 4.67
CA SER D 61 -14.88 24.34 6.00
C SER D 61 -13.87 23.19 5.90
N GLN D 62 -13.99 22.39 4.83
CA GLN D 62 -13.13 21.24 4.59
C GLN D 62 -12.35 21.46 3.30
N ASN D 63 -11.25 20.71 3.14
CA ASN D 63 -10.42 20.77 1.95
C ASN D 63 -11.19 20.21 0.75
N CYS D 64 -10.91 20.76 -0.43
CA CYS D 64 -11.59 20.37 -1.66
C CYS D 64 -10.56 20.23 -2.79
N VAL D 65 -11.00 19.66 -3.91
CA VAL D 65 -10.16 19.52 -5.09
C VAL D 65 -11.00 19.89 -6.31
N THR D 66 -10.34 20.54 -7.29
CA THR D 66 -10.90 20.71 -8.61
C THR D 66 -10.42 19.56 -9.49
N SER D 67 -9.12 19.57 -9.80
CA SER D 67 -8.48 18.48 -10.52
C SER D 67 -8.67 17.18 -9.74
N PRO D 68 -8.74 16.02 -10.42
CA PRO D 68 -8.75 14.75 -9.70
C PRO D 68 -7.42 14.54 -8.98
N MET D 69 -7.46 14.44 -7.64
CA MET D 69 -6.29 14.11 -6.83
C MET D 69 -6.52 12.73 -6.22
N ASN D 70 -5.76 11.71 -6.66
CA ASN D 70 -5.99 10.34 -6.23
C ASN D 70 -5.44 10.13 -4.83
N ILE D 71 -6.35 10.03 -3.86
CA ILE D 71 -6.02 9.83 -2.46
C ILE D 71 -6.42 8.41 -2.06
N ASP D 72 -5.55 7.73 -1.32
CA ASP D 72 -5.76 6.33 -0.98
C ASP D 72 -6.79 6.24 0.15
N ARG D 73 -8.06 6.04 -0.23
CA ARG D 73 -9.12 5.90 0.76
C ARG D 73 -9.52 4.44 0.89
N ASN D 74 -8.57 3.54 0.54
CA ASN D 74 -8.73 2.12 0.80
C ASN D 74 -8.66 1.93 2.31
N ILE D 75 -9.74 1.37 2.88
CA ILE D 75 -9.89 1.30 4.32
C ILE D 75 -8.85 0.33 4.88
N THR D 76 -8.54 -0.71 4.11
CA THR D 76 -7.65 -1.77 4.58
C THR D 76 -6.23 -1.22 4.70
N HIS D 77 -5.90 -0.17 3.94
CA HIS D 77 -4.58 0.43 3.98
C HIS D 77 -4.37 1.29 5.22
N LEU D 78 -5.37 1.34 6.12
CA LEU D 78 -5.27 2.15 7.32
C LEU D 78 -4.51 1.40 8.39
N GLN D 79 -3.53 2.08 9.00
CA GLN D 79 -2.96 1.63 10.26
C GLN D 79 -3.93 2.06 11.37
N TYR D 80 -4.24 1.12 12.26
CA TYR D 80 -5.25 1.34 13.27
C TYR D 80 -4.80 0.70 14.58
N CYS D 81 -5.49 1.00 15.68
CA CYS D 81 -5.18 0.42 16.97
C CYS D 81 -6.34 -0.43 17.47
N VAL D 82 -6.08 -1.26 18.50
CA VAL D 82 -7.04 -2.24 19.00
C VAL D 82 -7.38 -1.94 20.46
N CYS D 83 -7.07 -0.72 20.91
CA CYS D 83 -7.27 -0.31 22.28
C CYS D 83 -8.66 -0.66 22.78
N ILE D 84 -8.74 -1.02 24.05
CA ILE D 84 -10.00 -1.20 24.75
C ILE D 84 -10.10 -0.17 25.88
N ASP D 85 -9.04 0.61 26.09
CA ASP D 85 -9.08 1.79 26.95
C ASP D 85 -9.51 2.99 26.09
N ASP D 86 -9.22 4.21 26.58
CA ASP D 86 -9.42 5.43 25.80
C ASP D 86 -8.10 5.82 25.13
N CYS D 87 -7.42 4.82 24.56
CA CYS D 87 -6.21 5.01 23.77
C CYS D 87 -5.17 5.87 24.51
N SER D 88 -5.12 5.69 25.83
CA SER D 88 -4.22 6.45 26.70
C SER D 88 -3.12 5.57 27.26
N SER D 89 -3.14 4.26 26.94
CA SER D 89 -2.00 3.38 27.19
C SER D 89 -1.01 3.55 26.04
N SER D 90 0.26 3.21 26.29
CA SER D 90 1.31 3.37 25.29
C SER D 90 1.32 2.20 24.31
N ASN D 91 0.35 1.28 24.46
CA ASN D 91 0.13 0.20 23.49
C ASN D 91 -0.58 0.74 22.25
N CYS D 92 -1.05 1.99 22.32
CA CYS D 92 -1.79 2.61 21.23
C CYS D 92 -0.90 2.73 20.00
N MET D 93 -1.22 1.91 18.99
CA MET D 93 -0.50 1.88 17.72
C MET D 93 -0.51 3.27 17.10
N CYS D 94 -1.69 3.90 17.15
CA CYS D 94 -1.88 5.24 16.63
C CYS D 94 -0.93 6.19 17.36
N GLY D 95 -0.88 6.08 18.69
CA GLY D 95 0.07 6.87 19.47
C GLY D 95 1.53 6.59 19.08
N GLN D 96 1.83 5.32 18.81
CA GLN D 96 3.18 4.91 18.46
C GLN D 96 3.59 5.55 17.13
N LEU D 97 2.70 5.48 16.14
CA LEU D 97 2.94 6.07 14.84
C LEU D 97 3.31 7.55 14.95
N SER D 98 2.72 8.24 15.93
CA SER D 98 3.02 9.64 16.17
C SER D 98 4.10 9.78 17.23
N MET D 99 4.91 8.73 17.41
CA MET D 99 5.94 8.65 18.44
C MET D 99 5.29 8.51 19.82
N ARG D 100 4.19 9.21 20.05
CA ARG D 100 3.59 9.30 21.37
C ARG D 100 2.31 10.12 21.25
N CYS D 101 1.22 9.68 21.90
CA CYS D 101 0.03 10.49 21.92
C CYS D 101 0.33 11.78 22.68
N TRP D 102 0.35 12.89 21.93
CA TRP D 102 0.85 14.15 22.45
C TRP D 102 -0.24 14.92 23.20
N TYR D 103 -1.45 14.33 23.26
CA TYR D 103 -2.61 15.01 23.79
C TYR D 103 -2.72 14.71 25.29
N ASP D 104 -3.28 15.67 26.05
CA ASP D 104 -3.60 15.48 27.45
C ASP D 104 -5.09 15.19 27.56
N LYS D 105 -5.65 15.29 28.78
CA LYS D 105 -7.04 14.93 29.01
C LYS D 105 -7.98 16.01 28.47
N ASP D 106 -7.47 17.25 28.35
CA ASP D 106 -8.25 18.36 27.82
C ASP D 106 -7.97 18.54 26.32
N GLY D 107 -7.28 17.58 25.71
CA GLY D 107 -6.98 17.62 24.29
C GLY D 107 -5.93 18.67 23.92
N ARG D 108 -5.11 19.09 24.90
CA ARG D 108 -4.02 20.01 24.65
C ARG D 108 -2.71 19.24 24.50
N LEU D 109 -1.73 19.86 23.85
CA LEU D 109 -0.42 19.26 23.67
C LEU D 109 0.28 19.20 25.03
N LEU D 110 1.13 18.16 25.20
CA LEU D 110 1.95 18.05 26.39
C LEU D 110 3.07 19.07 26.31
N PRO D 111 3.58 19.61 27.45
CA PRO D 111 4.73 20.51 27.42
C PRO D 111 5.99 19.91 26.80
N GLU D 112 5.99 18.57 26.67
CA GLU D 112 7.07 17.86 26.02
C GLU D 112 7.09 18.16 24.53
N PHE D 113 5.94 18.52 23.96
CA PHE D 113 5.78 18.69 22.52
C PHE D 113 6.85 19.62 21.98
N ASN D 114 7.52 19.20 20.90
CA ASN D 114 8.57 19.99 20.29
C ASN D 114 7.94 21.01 19.35
N MET D 115 7.84 22.26 19.82
CA MET D 115 7.19 23.32 19.08
C MET D 115 8.02 23.67 17.84
N ALA D 116 9.35 23.62 17.97
CA ALA D 116 10.24 24.14 16.96
C ALA D 116 10.49 23.11 15.85
N GLU D 117 10.16 21.84 16.10
CA GLU D 117 10.32 20.78 15.12
C GLU D 117 9.25 19.73 15.38
N PRO D 118 7.98 20.00 15.00
CA PRO D 118 6.86 19.14 15.39
C PRO D 118 6.85 17.82 14.64
N PRO D 119 6.43 16.70 15.29
CA PRO D 119 6.30 15.42 14.61
C PRO D 119 5.00 15.32 13.81
N LEU D 120 4.89 14.27 13.00
CA LEU D 120 3.62 13.91 12.40
C LEU D 120 2.74 13.34 13.48
N ILE D 121 1.46 13.72 13.46
CA ILE D 121 0.48 13.20 14.38
C ILE D 121 -0.47 12.30 13.60
N PHE D 122 -0.71 11.09 14.14
CA PHE D 122 -1.68 10.16 13.61
C PHE D 122 -2.81 10.04 14.62
N GLU D 123 -3.91 10.75 14.35
CA GLU D 123 -5.11 10.63 15.15
C GLU D 123 -5.78 9.30 14.80
N CYS D 124 -6.67 8.86 15.69
CA CYS D 124 -7.38 7.60 15.53
C CYS D 124 -8.44 7.76 14.46
N ASN D 125 -8.81 6.64 13.83
CA ASN D 125 -9.67 6.69 12.66
C ASN D 125 -10.73 5.62 12.79
N HIS D 126 -11.70 5.66 11.87
CA HIS D 126 -12.85 4.79 11.87
C HIS D 126 -12.47 3.32 11.71
N ALA D 127 -11.17 3.05 11.48
CA ALA D 127 -10.69 1.68 11.39
C ALA D 127 -10.32 1.13 12.77
N CYS D 128 -10.01 2.04 13.72
CA CYS D 128 -9.62 1.64 15.06
C CYS D 128 -10.79 1.01 15.81
N SER D 129 -10.42 0.24 16.84
CA SER D 129 -11.34 -0.53 17.65
C SER D 129 -11.99 0.35 18.73
N CYS D 130 -11.30 1.46 19.05
CA CYS D 130 -11.67 2.34 20.15
C CYS D 130 -12.90 3.20 19.80
N TRP D 131 -13.33 4.01 20.78
CA TRP D 131 -14.51 4.85 20.66
C TRP D 131 -14.14 6.23 20.15
N ARG D 132 -15.17 6.99 19.76
CA ARG D 132 -15.02 8.25 19.05
C ARG D 132 -14.53 9.36 19.99
N ASN D 133 -14.41 9.05 21.28
CA ASN D 133 -14.07 10.03 22.29
C ASN D 133 -12.74 9.71 22.97
N CYS D 134 -11.96 8.80 22.38
CA CYS D 134 -10.65 8.46 22.91
C CYS D 134 -9.75 9.69 22.87
N ARG D 135 -8.66 9.64 23.62
CA ARG D 135 -7.76 10.78 23.77
C ARG D 135 -7.22 11.29 22.43
N ASN D 136 -7.00 10.37 21.48
CA ASN D 136 -6.17 10.66 20.31
C ASN D 136 -7.03 11.16 19.15
N ARG D 137 -8.17 11.79 19.47
CA ARG D 137 -9.02 12.44 18.48
C ARG D 137 -9.24 13.89 18.93
N VAL D 138 -8.70 14.87 18.17
CA VAL D 138 -8.69 16.26 18.58
C VAL D 138 -8.94 17.19 17.39
N VAL D 139 -7.98 17.21 16.47
CA VAL D 139 -8.08 18.02 15.26
C VAL D 139 -9.30 17.53 14.47
N GLN D 140 -9.60 16.24 14.55
CA GLN D 140 -10.72 15.70 13.80
C GLN D 140 -12.07 16.22 14.33
N ASN D 141 -12.10 16.71 15.57
CA ASN D 141 -13.37 17.08 16.18
C ASN D 141 -13.87 18.43 15.68
N GLY D 142 -12.97 19.26 15.17
CA GLY D 142 -13.34 20.48 14.48
C GLY D 142 -12.86 21.71 15.25
N LEU D 143 -13.38 22.86 14.82
CA LEU D 143 -13.08 24.15 15.42
C LEU D 143 -13.93 24.31 16.68
N ARG D 144 -13.29 24.80 17.76
CA ARG D 144 -13.97 24.95 19.04
C ARG D 144 -13.79 26.36 19.58
N ALA D 145 -12.78 27.09 19.10
CA ALA D 145 -12.41 28.39 19.67
C ALA D 145 -13.34 29.49 19.14
N ARG D 146 -13.36 30.63 19.85
CA ARG D 146 -14.13 31.79 19.42
C ARG D 146 -13.22 32.73 18.62
N LEU D 147 -13.38 32.70 17.30
CA LEU D 147 -12.59 33.54 16.42
C LEU D 147 -13.47 34.66 15.87
N GLN D 148 -12.81 35.61 15.22
CA GLN D 148 -13.49 36.73 14.60
C GLN D 148 -12.57 37.31 13.53
N LEU D 149 -13.08 37.39 12.29
CA LEU D 149 -12.43 38.10 11.22
C LEU D 149 -12.61 39.58 11.48
N TYR D 150 -11.51 40.34 11.49
CA TYR D 150 -11.59 41.76 11.80
C TYR D 150 -10.63 42.53 10.89
N ARG D 151 -10.84 43.85 10.82
CA ARG D 151 -10.04 44.74 9.99
C ARG D 151 -8.89 45.31 10.81
N THR D 152 -7.65 44.99 10.41
CA THR D 152 -6.47 45.60 10.99
C THR D 152 -6.24 46.91 10.24
N ARG D 153 -5.48 47.83 10.86
CA ARG D 153 -5.29 49.15 10.27
C ARG D 153 -4.03 49.15 9.40
N ASP D 154 -3.27 48.06 9.42
CA ASP D 154 -1.91 48.04 8.91
C ASP D 154 -1.66 46.83 8.01
N MET D 155 -2.54 45.82 8.03
CA MET D 155 -2.31 44.56 7.33
C MET D 155 -3.57 44.15 6.55
N GLY D 156 -4.58 45.03 6.47
CA GLY D 156 -5.85 44.69 5.85
C GLY D 156 -6.74 43.89 6.79
N TRP D 157 -7.16 42.69 6.37
CA TRP D 157 -7.96 41.80 7.20
C TRP D 157 -7.05 40.96 8.09
N GLY D 158 -7.60 40.51 9.23
CA GLY D 158 -6.91 39.62 10.14
C GLY D 158 -7.90 38.79 10.94
N VAL D 159 -7.38 37.79 11.67
CA VAL D 159 -8.23 36.97 12.52
C VAL D 159 -7.76 37.12 13.95
N ARG D 160 -8.72 37.19 14.90
CA ARG D 160 -8.39 37.30 16.30
C ARG D 160 -9.28 36.40 17.12
N SER D 161 -8.78 36.02 18.30
CA SER D 161 -9.57 35.27 19.26
C SER D 161 -10.45 36.24 20.07
N LEU D 162 -11.61 35.74 20.51
CA LEU D 162 -12.50 36.50 21.37
C LEU D 162 -12.41 35.99 22.80
N GLN D 163 -11.46 35.07 23.05
CA GLN D 163 -11.38 34.41 24.35
C GLN D 163 -9.93 33.99 24.60
N ASP D 164 -9.54 34.00 25.87
CA ASP D 164 -8.25 33.47 26.26
C ASP D 164 -8.12 32.05 25.69
N ILE D 165 -6.96 31.77 25.08
CA ILE D 165 -6.65 30.46 24.55
C ILE D 165 -5.48 29.89 25.35
N PRO D 166 -5.67 28.74 26.05
CA PRO D 166 -4.55 28.08 26.72
C PRO D 166 -3.47 27.68 25.72
N PRO D 167 -2.18 27.65 26.11
CA PRO D 167 -1.14 27.13 25.23
C PRO D 167 -1.39 25.68 24.84
N GLY D 168 -0.97 25.32 23.63
CA GLY D 168 -1.05 23.95 23.13
C GLY D 168 -2.49 23.52 22.83
N THR D 169 -3.33 24.50 22.47
CA THR D 169 -4.72 24.24 22.09
C THR D 169 -4.84 24.29 20.57
N PHE D 170 -5.63 23.37 20.01
CA PHE D 170 -5.90 23.37 18.58
C PHE D 170 -6.80 24.54 18.24
N VAL D 171 -6.34 25.44 17.36
CA VAL D 171 -7.07 26.65 17.06
C VAL D 171 -7.96 26.43 15.83
N CYS D 172 -7.33 26.22 14.67
CA CYS D 172 -8.02 26.06 13.40
C CYS D 172 -7.15 25.35 12.36
N GLU D 173 -7.78 24.78 11.34
CA GLU D 173 -7.06 24.07 10.29
C GLU D 173 -6.86 24.99 9.09
N TYR D 174 -5.71 24.87 8.42
CA TYR D 174 -5.48 25.55 7.16
C TYR D 174 -6.10 24.73 6.03
N VAL D 175 -7.13 25.30 5.39
CA VAL D 175 -7.98 24.57 4.46
C VAL D 175 -8.10 25.33 3.15
N GLY D 176 -8.19 24.57 2.04
CA GLY D 176 -8.33 25.12 0.69
C GLY D 176 -8.33 24.04 -0.40
N GLU D 177 -7.69 24.36 -1.52
CA GLU D 177 -7.72 23.54 -2.73
C GLU D 177 -6.42 22.75 -2.81
N LEU D 178 -6.48 21.45 -3.17
CA LEU D 178 -5.30 20.62 -3.33
C LEU D 178 -4.77 20.69 -4.76
N ILE D 179 -3.52 21.17 -4.90
CA ILE D 179 -2.92 21.38 -6.22
C ILE D 179 -1.48 20.85 -6.21
N SER D 180 -0.98 20.48 -7.39
CA SER D 180 0.39 20.01 -7.58
C SER D 180 1.35 21.19 -7.58
N ASP D 181 2.64 20.90 -7.38
CA ASP D 181 3.70 21.89 -7.49
C ASP D 181 3.72 22.45 -8.91
N SER D 182 3.46 21.58 -9.90
CA SER D 182 3.28 22.01 -11.29
C SER D 182 2.22 23.11 -11.33
N GLU D 183 1.03 22.78 -10.82
CA GLU D 183 -0.12 23.67 -10.85
C GLU D 183 0.18 24.95 -10.05
N ALA D 184 0.93 24.80 -8.96
CA ALA D 184 1.16 25.90 -8.03
C ALA D 184 2.08 26.96 -8.64
N ASP D 185 3.02 26.53 -9.50
CA ASP D 185 4.00 27.42 -10.08
C ASP D 185 3.33 28.34 -11.11
N VAL D 186 2.34 27.79 -11.83
CA VAL D 186 1.67 28.53 -12.89
C VAL D 186 0.59 29.44 -12.31
N ARG D 187 0.20 29.20 -11.04
CA ARG D 187 -0.77 30.06 -10.37
C ARG D 187 -0.20 31.46 -10.22
N GLU D 188 -0.94 32.46 -10.74
CA GLU D 188 -0.58 33.86 -10.63
C GLU D 188 -0.53 34.29 -9.16
N GLU D 189 -1.67 34.09 -8.48
CA GLU D 189 -1.82 34.48 -7.08
C GLU D 189 -1.32 33.33 -6.20
N ASP D 190 -0.23 33.58 -5.48
CA ASP D 190 0.42 32.58 -4.66
C ASP D 190 0.43 32.98 -3.19
N SER D 191 -0.33 34.04 -2.84
CA SER D 191 -0.30 34.57 -1.49
C SER D 191 -1.07 33.66 -0.54
N TYR D 192 -1.84 32.71 -1.09
CA TYR D 192 -2.73 31.90 -0.27
C TYR D 192 -2.31 30.43 -0.32
N LEU D 193 -1.01 30.17 -0.50
CA LEU D 193 -0.50 28.82 -0.69
C LEU D 193 0.08 28.28 0.61
N PHE D 194 0.34 26.97 0.64
CA PHE D 194 0.95 26.30 1.78
C PHE D 194 1.54 24.97 1.31
N ASP D 195 2.87 24.84 1.37
CA ASP D 195 3.54 23.63 0.91
C ASP D 195 3.28 22.48 1.89
N LEU D 196 2.92 21.33 1.33
CA LEU D 196 2.65 20.13 2.11
C LEU D 196 3.94 19.33 2.29
N ASP D 197 4.54 18.85 1.19
CA ASP D 197 5.76 18.07 1.28
C ASP D 197 6.98 19.00 1.26
N GLY D 201 8.45 11.74 -4.87
CA GLY D 201 9.21 12.62 -5.77
C GLY D 201 8.33 13.74 -6.35
N GLU D 202 7.65 14.46 -5.45
CA GLU D 202 6.56 15.35 -5.82
C GLU D 202 6.12 16.09 -4.58
N VAL D 203 5.78 17.37 -4.75
CA VAL D 203 5.26 18.20 -3.67
C VAL D 203 3.85 18.64 -4.05
N TYR D 204 2.94 18.66 -3.07
CA TYR D 204 1.58 19.19 -3.26
C TYR D 204 1.44 20.49 -2.48
N CYS D 205 0.33 21.19 -2.72
CA CYS D 205 0.05 22.47 -2.09
C CYS D 205 -1.44 22.60 -1.75
N ILE D 206 -1.72 23.52 -0.82
CA ILE D 206 -3.05 24.03 -0.59
C ILE D 206 -3.07 25.48 -1.04
N ASP D 207 -3.88 25.81 -2.07
CA ASP D 207 -4.13 27.20 -2.44
C ASP D 207 -5.48 27.62 -1.88
N ALA D 208 -5.42 28.49 -0.87
CA ALA D 208 -6.59 29.02 -0.19
C ALA D 208 -7.14 30.23 -0.94
N ARG D 209 -6.61 30.50 -2.14
CA ARG D 209 -7.00 31.66 -2.90
C ARG D 209 -8.47 31.59 -3.26
N PHE D 210 -8.87 30.55 -4.01
CA PHE D 210 -10.19 30.49 -4.61
C PHE D 210 -11.16 29.76 -3.68
N TYR D 211 -10.64 28.79 -2.91
CA TYR D 211 -11.40 28.13 -1.85
C TYR D 211 -10.53 28.08 -0.60
N GLY D 212 -11.14 28.43 0.55
CA GLY D 212 -10.44 28.43 1.82
C GLY D 212 -11.38 28.68 3.01
N ASN D 213 -10.79 28.76 4.20
CA ASN D 213 -11.51 29.00 5.44
C ASN D 213 -10.86 30.19 6.14
N VAL D 214 -11.22 30.39 7.41
CA VAL D 214 -10.72 31.52 8.19
C VAL D 214 -9.20 31.62 8.10
N SER D 215 -8.51 30.47 7.97
CA SER D 215 -7.05 30.46 7.99
C SER D 215 -6.45 31.39 6.95
N ARG D 216 -7.11 31.52 5.80
CA ARG D 216 -6.58 32.30 4.70
C ARG D 216 -6.37 33.76 5.10
N PHE D 217 -7.01 34.21 6.20
CA PHE D 217 -6.95 35.61 6.61
C PHE D 217 -5.92 35.85 7.72
N ILE D 218 -5.32 34.77 8.23
CA ILE D 218 -4.34 34.91 9.29
C ILE D 218 -3.09 35.54 8.69
N ASN D 219 -2.58 36.59 9.36
CA ASN D 219 -1.41 37.32 8.91
C ASN D 219 -0.14 36.63 9.43
N HIS D 220 1.04 37.08 8.97
CA HIS D 220 2.33 36.58 9.42
C HIS D 220 2.74 37.27 10.72
N HIS D 221 3.66 36.63 11.46
CA HIS D 221 4.18 37.19 12.70
C HIS D 221 5.52 36.55 13.03
N CYS D 222 6.49 37.37 13.47
CA CYS D 222 7.86 36.89 13.68
C CYS D 222 8.08 36.38 15.11
N GLU D 223 7.08 36.61 15.97
CA GLU D 223 7.04 36.05 17.31
C GLU D 223 5.76 35.23 17.44
N PRO D 224 5.57 34.18 16.62
CA PRO D 224 4.23 33.67 16.33
C PRO D 224 3.59 32.96 17.52
N ASN D 225 2.27 33.12 17.65
CA ASN D 225 1.49 32.46 18.68
C ASN D 225 0.84 31.20 18.11
N LEU D 226 1.08 30.92 16.82
CA LEU D 226 0.56 29.73 16.16
C LEU D 226 1.68 28.95 15.50
N VAL D 227 1.52 27.62 15.47
CA VAL D 227 2.47 26.74 14.81
C VAL D 227 1.69 25.72 13.99
N PRO D 228 2.09 25.47 12.72
CA PRO D 228 1.47 24.43 11.90
C PRO D 228 1.99 23.03 12.26
N VAL D 229 1.08 22.05 12.30
CA VAL D 229 1.42 20.67 12.61
C VAL D 229 0.73 19.75 11.61
N ARG D 230 1.51 18.84 11.01
CA ARG D 230 1.01 17.94 9.99
C ARG D 230 0.28 16.78 10.67
N VAL D 231 -0.89 16.42 10.13
CA VAL D 231 -1.77 15.47 10.78
C VAL D 231 -2.43 14.56 9.74
N PHE D 232 -2.74 13.34 10.19
CA PHE D 232 -3.49 12.37 9.42
C PHE D 232 -4.66 11.86 10.26
N MET D 233 -5.83 11.78 9.65
CA MET D 233 -7.02 11.36 10.37
C MET D 233 -7.70 10.22 9.62
N ALA D 234 -8.57 10.54 8.65
CA ALA D 234 -9.43 9.55 8.02
C ALA D 234 -8.70 8.79 6.90
N HIS D 235 -7.58 9.37 6.44
CA HIS D 235 -6.72 8.72 5.45
C HIS D 235 -5.27 8.96 5.87
N GLN D 236 -4.40 7.99 5.53
CA GLN D 236 -2.98 8.08 5.79
C GLN D 236 -2.22 8.04 4.47
N ASP D 237 -2.70 8.80 3.48
CA ASP D 237 -1.96 9.04 2.26
C ASP D 237 -0.95 10.15 2.52
N LEU D 238 0.33 9.79 2.58
CA LEU D 238 1.35 10.63 3.19
C LEU D 238 1.75 11.80 2.31
N ARG D 239 1.17 11.90 1.10
CA ARG D 239 1.36 13.07 0.27
C ARG D 239 0.45 14.22 0.72
N PHE D 240 -0.63 13.87 1.44
CA PHE D 240 -1.72 14.80 1.68
C PHE D 240 -2.00 14.94 3.18
N PRO D 241 -1.02 15.40 3.98
CA PRO D 241 -1.27 15.71 5.38
C PRO D 241 -2.22 16.91 5.48
N ARG D 242 -2.93 17.03 6.60
CA ARG D 242 -3.70 18.23 6.89
C ARG D 242 -2.94 19.08 7.91
N ILE D 243 -3.08 20.40 7.77
CA ILE D 243 -2.27 21.35 8.52
C ILE D 243 -3.12 21.96 9.62
N ALA D 244 -2.80 21.63 10.88
CA ALA D 244 -3.48 22.17 12.04
C ALA D 244 -2.59 23.19 12.73
N PHE D 245 -3.17 24.34 13.10
CA PHE D 245 -2.48 25.33 13.90
C PHE D 245 -2.77 25.09 15.38
N PHE D 246 -1.71 25.00 16.18
CA PHE D 246 -1.85 24.98 17.63
C PHE D 246 -1.25 26.25 18.23
N SER D 247 -1.81 26.65 19.37
CA SER D 247 -1.31 27.79 20.12
C SER D 247 0.06 27.46 20.70
N THR D 248 1.03 28.36 20.50
CA THR D 248 2.39 28.17 20.98
C THR D 248 2.54 28.74 22.38
N ARG D 249 1.52 29.47 22.85
CA ARG D 249 1.55 30.16 24.13
C ARG D 249 0.11 30.42 24.55
N LEU D 250 -0.08 31.21 25.64
CA LEU D 250 -1.38 31.76 25.93
C LEU D 250 -1.67 32.87 24.94
N ILE D 251 -2.85 32.81 24.31
CA ILE D 251 -3.39 33.90 23.52
C ILE D 251 -4.50 34.54 24.34
N GLU D 252 -4.40 35.84 24.58
CA GLU D 252 -5.41 36.57 25.33
C GLU D 252 -6.51 37.01 24.38
N ALA D 253 -7.76 36.92 24.85
CA ALA D 253 -8.91 37.41 24.11
C ALA D 253 -8.57 38.78 23.50
N GLY D 254 -8.78 38.91 22.18
CA GLY D 254 -8.53 40.16 21.51
C GLY D 254 -7.24 40.14 20.69
N GLU D 255 -6.30 39.24 21.03
CA GLU D 255 -5.05 39.10 20.29
C GLU D 255 -5.33 38.60 18.88
N GLN D 256 -4.55 39.10 17.92
CA GLN D 256 -4.58 38.60 16.56
C GLN D 256 -3.66 37.39 16.47
N LEU D 257 -4.10 36.40 15.67
CA LEU D 257 -3.32 35.22 15.40
C LEU D 257 -2.19 35.55 14.43
N GLY D 258 -1.19 34.67 14.37
CA GLY D 258 -0.11 34.76 13.40
C GLY D 258 0.78 33.51 13.42
N PHE D 259 1.39 33.20 12.27
CA PHE D 259 2.41 32.16 12.19
C PHE D 259 3.54 32.64 11.27
N ASP D 260 4.64 31.90 11.27
CA ASP D 260 5.77 32.21 10.40
C ASP D 260 5.49 31.64 9.00
N TYR D 261 5.43 32.52 7.99
CA TYR D 261 5.12 32.12 6.64
C TYR D 261 6.25 31.29 6.02
N GLY D 262 7.30 30.95 6.79
CA GLY D 262 8.43 30.21 6.25
C GLY D 262 8.15 28.75 5.90
N GLU D 263 6.87 28.36 5.71
CA GLU D 263 6.49 26.99 5.45
C GLU D 263 5.96 26.86 4.00
N CYS D 275 6.98 43.48 7.17
CA CYS D 275 6.18 42.85 8.23
C CYS D 275 5.99 43.83 9.40
N ARG D 276 4.85 44.52 9.38
CA ARG D 276 4.43 45.33 10.53
C ARG D 276 3.70 44.43 11.53
N CYS D 277 4.33 43.31 11.91
CA CYS D 277 3.79 42.49 12.98
C CYS D 277 3.76 43.30 14.28
N GLY D 278 4.76 44.18 14.45
CA GLY D 278 4.85 45.02 15.64
C GLY D 278 5.38 44.23 16.83
N SER D 279 6.42 43.42 16.58
CA SER D 279 7.17 42.73 17.62
C SER D 279 8.62 43.22 17.57
N PRO D 280 9.31 43.33 18.72
CA PRO D 280 10.68 43.85 18.74
C PRO D 280 11.68 43.19 17.79
N LYS D 281 11.40 41.95 17.35
CA LYS D 281 12.39 41.14 16.66
C LYS D 281 11.88 40.76 15.27
N CYS D 282 11.16 41.69 14.63
CA CYS D 282 10.61 41.49 13.29
C CYS D 282 11.72 41.20 12.28
N ARG D 283 11.73 39.96 11.75
CA ARG D 283 12.81 39.49 10.90
C ARG D 283 12.63 39.94 9.45
N HIS D 284 11.44 40.44 9.10
CA HIS D 284 11.15 40.85 7.73
C HIS D 284 10.62 42.28 7.72
N SER D 285 11.26 43.14 8.52
CA SER D 285 10.80 44.50 8.74
C SER D 285 11.01 45.35 7.47
N SAH E . 0.79 -35.85 -0.61
CA SAH E . 1.74 -36.69 -1.40
CB SAH E . 2.60 -35.81 -2.33
CG SAH E . 1.81 -35.23 -3.48
SD SAH E . 2.03 -36.07 -5.07
C SAH E . 2.64 -37.48 -0.43
O SAH E . 2.10 -38.41 0.22
OXT SAH E . 3.84 -37.16 -0.37
C5' SAH E . 2.13 -37.84 -4.67
C4' SAH E . 0.89 -38.66 -4.32
O4' SAH E . -0.17 -37.87 -3.75
C3' SAH E . 0.20 -39.32 -5.50
O3' SAH E . 0.98 -40.40 -5.99
C2' SAH E . -1.13 -39.73 -4.86
O2' SAH E . -1.17 -41.06 -4.41
C1' SAH E . -1.30 -38.73 -3.69
N9 SAH E . -2.51 -37.96 -3.85
C8 SAH E . -2.65 -36.82 -4.59
N7 SAH E . -3.89 -36.39 -4.63
C5 SAH E . -4.61 -37.32 -3.92
C6 SAH E . -5.99 -37.42 -3.62
N6 SAH E . -6.89 -36.52 -4.00
N1 SAH E . -6.38 -38.48 -2.88
C2 SAH E . -5.46 -39.36 -2.48
N3 SAH E . -4.15 -39.37 -2.72
C4 SAH E . -3.78 -38.31 -3.45
ZN ZN F . 6.94 -3.57 -17.64
ZN ZN G . 6.09 -2.26 -14.31
ZN ZN H . 4.42 -0.93 -17.64
ZN ZN I . -11.78 -36.06 -5.50
N SAH J . -31.46 -9.75 10.73
CA SAH J . -30.33 -10.46 10.09
CB SAH J . -29.50 -9.50 9.22
CG SAH J . -30.24 -9.04 7.98
SD SAH J . -29.79 -9.89 6.46
C SAH J . -29.45 -11.09 11.19
O SAH J . -30.01 -11.35 12.27
OXT SAH J . -28.26 -11.31 10.92
C5' SAH J . -29.35 -11.57 7.01
C4' SAH J . -30.43 -12.61 7.02
O4' SAH J . -31.61 -12.16 7.74
C3' SAH J . -30.99 -13.00 5.66
O3' SAH J . -30.07 -13.86 4.99
C2' SAH J . -32.29 -13.71 6.07
O2' SAH J . -32.07 -15.08 6.24
C1' SAH J . -32.67 -13.04 7.39
N9 SAH J . -33.91 -12.28 7.31
C8 SAH J . -34.03 -10.93 7.11
N7 SAH J . -35.28 -10.51 7.06
C5 SAH J . -36.02 -11.67 7.23
C6 SAH J . -37.42 -11.90 7.27
N6 SAH J . -38.33 -10.94 7.15
N1 SAH J . -37.83 -13.18 7.46
C2 SAH J . -36.91 -14.13 7.58
N3 SAH J . -35.58 -14.04 7.57
C4 SAH J . -35.19 -12.76 7.39
ZN ZN K . -43.44 -11.32 4.80
ZN ZN L . -29.99 25.17 0.41
ZN ZN M . -31.54 26.51 -2.93
ZN ZN N . -28.60 24.23 -2.87
S SO4 O . -43.04 24.60 5.25
O1 SO4 O . -42.93 25.85 5.97
O2 SO4 O . -43.52 24.87 3.92
O3 SO4 O . -43.96 23.73 5.93
O4 SO4 O . -41.75 23.98 5.19
S SO4 P . -40.12 -10.54 17.66
O1 SO4 P . -41.28 -11.25 18.14
O2 SO4 P . -40.44 -9.16 17.48
O3 SO4 P . -39.07 -10.65 18.64
O4 SO4 P . -39.69 -11.12 16.42
N SAH Q . 33.76 9.39 -13.06
CA SAH Q . 33.11 8.91 -14.30
CB SAH Q . 32.87 7.39 -14.25
CG SAH Q . 34.13 6.57 -13.93
SD SAH Q . 34.89 5.74 -15.37
C SAH Q . 31.78 9.66 -14.50
O SAH Q . 31.80 10.90 -14.34
OXT SAH Q . 30.76 8.99 -14.80
C5' SAH Q . 34.95 7.06 -16.61
C4' SAH Q . 36.10 8.06 -16.55
O4' SAH Q . 36.45 8.38 -15.19
C3' SAH Q . 37.40 7.54 -17.16
O3' SAH Q . 37.42 7.87 -18.54
C2' SAH Q . 38.49 8.24 -16.35
O2' SAH Q . 39.26 9.15 -17.11
C1' SAH Q . 37.74 8.94 -15.22
N9 SAH Q . 38.39 8.73 -13.95
C8 SAH Q . 38.17 7.65 -13.12
N7 SAH Q . 38.93 7.67 -12.05
C5 SAH Q . 39.70 8.81 -12.19
C6 SAH Q . 40.70 9.37 -11.38
N6 SAH Q . 41.09 8.84 -10.22
N1 SAH Q . 41.29 10.52 -11.81
C2 SAH Q . 40.89 11.04 -12.97
N3 SAH Q . 39.96 10.60 -13.82
C4 SAH Q . 39.39 9.47 -13.37
ZN ZN R . 27.94 -24.78 2.14
ZN ZN S . 26.46 -22.83 4.87
ZN ZN T . 29.20 -25.68 5.48
ZN ZN U . 46.40 8.61 -7.93
S SO4 V . 35.03 16.29 -4.45
O1 SO4 V . 35.00 15.78 -3.10
O2 SO4 V . 35.79 17.50 -4.51
O3 SO4 V . 35.61 15.30 -5.32
O4 SO4 V . 33.68 16.56 -4.89
N SAH W . -4.49 40.31 6.01
CA SAH W . -4.03 39.90 4.66
CB SAH W . -4.41 38.44 4.35
CG SAH W . -3.31 37.43 4.67
SD SAH W . -2.32 36.77 3.29
C SAH W . -4.67 40.83 3.62
O SAH W . -3.88 41.57 2.97
OXT SAH W . -5.91 40.78 3.48
C5' SAH W . -2.33 38.03 1.98
C4' SAH W . -1.29 39.14 2.02
O4' SAH W . -1.37 39.88 3.27
C3' SAH W . 0.17 38.70 1.96
O3' SAH W . 0.53 38.38 0.63
C2' SAH W . 0.88 39.95 2.50
O2' SAH W . 1.10 40.95 1.53
C1' SAH W . -0.11 40.47 3.54
N9 SAH W . 0.26 40.15 4.93
C8 SAH W . -0.09 39.04 5.63
N7 SAH W . 0.39 39.03 6.85
C5 SAH W . 1.09 40.22 6.96
C6 SAH W . 1.83 40.81 8.01
N6 SAH W . 1.99 40.27 9.21
N1 SAH W . 2.42 42.01 7.77
C2 SAH W . 2.25 42.57 6.57
N3 SAH W . 1.57 42.12 5.51
C4 SAH W . 1.02 40.92 5.76
ZN ZN X . 7.68 40.56 11.85
ZN ZN Y . -6.38 4.27 17.04
ZN ZN Z . -5.43 3.28 20.46
ZN ZN AA . -8.39 5.81 19.71
S SO4 BA . -4.55 46.18 14.59
O1 SO4 BA . -5.95 46.32 14.26
O2 SO4 BA . -3.91 47.46 14.50
O3 SO4 BA . -4.42 45.67 15.94
O4 SO4 BA . -3.93 45.26 13.67
#